data_5VER
#
_entry.id   5VER
#
_cell.length_a   91.490
_cell.length_b   91.490
_cell.length_c   233.501
_cell.angle_alpha   90.00
_cell.angle_beta   90.00
_cell.angle_gamma   90.00
#
_symmetry.space_group_name_H-M   'P 43 21 2'
#
loop_
_entity.id
_entity.type
_entity.pdbx_description
1 polymer 'Kynurenine--oxoglutarate transaminase 3'
2 non-polymer "PYRIDOXAL-5'-PHOSPHATE"
3 non-polymer '4-(2-HYDROXYETHYL)-1-PIPERAZINE ETHANESULFONIC ACID'
4 non-polymer 'TRIETHYLENE GLYCOL'
5 non-polymer GLYCEROL
6 non-polymer 'CALCIUM ION'
7 non-polymer "4'-DEOXY-4'-AMINOPYRIDOXAL-5'-PHOSPHATE"
8 non-polymer DI(HYDROXYETHYL)ETHER
9 water water
#
_entity_poly.entity_id   1
_entity_poly.type   'polypeptide(L)'
_entity_poly.pdbx_seq_one_letter_code
;NAKRIEGLDSNVWVEFTKLAADPSVVNLGQGFPDISPPSYVKEELSKAAFIDNMNQYTRGFGHPALVKALSCLYGKIYQR
QIDPNEEILVAVGAYGSLFNSIQGLVDPGDEVIIMVPFYDCYEPMVRMAGAVPVFIPLRSKPTDGMKWTSSDWTFDPREL
ESKFSSKTKAIILNTPHNPLGKVYTRQELQVIADLCVKHDTLCISDEVYEWLVYTGHTHVKIATLPGMWERTITIGSAGK
TFSVTGWKLGWSIGPAHLIKHLQTVQQNSFYTCATPLQAALAEAFWIDIKRMDDPECYFNSLPKELEVKRDRMVRLLNSV
GLKPIVPDGGYFIIADVSSLGADLSDMNSDEPYDYKFVKWMTKHKKLTAIPVSAFCDSKSKPHFEKLVRFCFIKKDSTLD
AAEEIFRAWN
;
_entity_poly.pdbx_strand_id   A,B
#
# COMPACT_ATOMS: atom_id res chain seq x y z
N ASN A 1 18.62 11.63 -0.36
CA ASN A 1 17.26 11.46 0.31
C ASN A 1 16.43 12.74 0.51
N ALA A 2 15.12 12.67 0.22
CA ALA A 2 14.23 13.83 0.37
C ALA A 2 14.17 14.30 1.81
N LYS A 3 14.10 15.62 1.99
CA LYS A 3 14.20 16.30 3.29
C LYS A 3 13.15 15.75 4.24
N ARG A 4 11.95 15.48 3.71
CA ARG A 4 10.83 14.94 4.51
C ARG A 4 11.14 13.65 5.24
N ILE A 5 12.16 12.89 4.81
CA ILE A 5 12.57 11.64 5.49
C ILE A 5 13.93 11.71 6.20
N GLU A 6 14.48 12.92 6.40
CA GLU A 6 15.66 13.10 7.25
C GLU A 6 15.49 12.41 8.59
N GLY A 7 16.47 11.57 8.89
CA GLY A 7 16.54 10.72 10.07
C GLY A 7 15.25 10.02 10.40
N LEU A 8 14.61 9.39 9.41
CA LEU A 8 13.47 8.52 9.64
C LEU A 8 13.78 7.10 9.16
N ASP A 9 15.05 6.89 8.89
CA ASP A 9 15.55 5.71 8.22
C ASP A 9 15.74 4.52 9.16
N SER A 10 16.06 4.79 10.42
CA SER A 10 16.13 3.68 11.38
C SER A 10 14.72 3.35 11.80
N ASN A 11 14.53 2.07 12.10
CA ASN A 11 13.23 1.47 12.38
C ASN A 11 13.48 0.30 13.31
N VAL A 12 12.73 0.25 14.42
CA VAL A 12 13.04 -0.69 15.55
C VAL A 12 13.07 -2.13 15.01
N TRP A 13 12.04 -2.40 14.19
CA TRP A 13 11.77 -3.66 13.54
C TRP A 13 12.86 -4.13 12.57
N VAL A 14 13.40 -3.21 11.76
CA VAL A 14 14.62 -3.47 11.00
C VAL A 14 15.75 -3.95 11.95
N GLU A 15 16.02 -3.16 12.99
CA GLU A 15 17.06 -3.48 13.97
C GLU A 15 16.88 -4.85 14.64
N PHE A 16 15.64 -5.38 14.64
CA PHE A 16 15.32 -6.63 15.36
C PHE A 16 15.38 -7.87 14.49
N THR A 17 15.84 -7.71 13.26
CA THR A 17 15.94 -8.83 12.32
C THR A 17 16.92 -9.92 12.79
N LYS A 18 18.15 -9.49 13.10
CA LYS A 18 19.23 -10.40 13.51
C LYS A 18 19.05 -11.10 14.89
N LEU A 19 17.98 -10.75 15.61
CA LEU A 19 17.56 -11.45 16.83
C LEU A 19 16.95 -12.80 16.48
N ALA A 20 15.71 -12.77 15.96
CA ALA A 20 14.90 -13.97 15.72
C ALA A 20 15.50 -15.01 14.74
N ALA A 21 16.69 -14.73 14.17
CA ALA A 21 17.37 -15.55 13.13
C ALA A 21 17.54 -17.05 13.46
N ASP A 22 18.48 -17.33 14.38
CA ASP A 22 18.79 -18.66 14.95
C ASP A 22 17.54 -19.59 15.12
N PRO A 23 17.53 -20.75 14.40
CA PRO A 23 16.36 -21.66 14.34
C PRO A 23 15.82 -22.13 15.70
N SER A 24 16.71 -22.37 16.66
CA SER A 24 16.35 -22.95 17.95
C SER A 24 15.95 -21.95 19.10
N VAL A 25 15.65 -20.68 18.78
CA VAL A 25 15.02 -19.79 19.79
C VAL A 25 13.48 -19.92 19.76
N VAL A 26 12.84 -19.63 20.89
CA VAL A 26 11.38 -19.48 20.91
C VAL A 26 11.15 -17.98 20.82
N ASN A 27 10.56 -17.57 19.69
CA ASN A 27 10.31 -16.15 19.43
C ASN A 27 9.00 -15.67 20.02
N LEU A 28 9.10 -14.97 21.14
CA LEU A 28 7.91 -14.32 21.71
C LEU A 28 8.00 -12.79 21.56
N GLY A 29 8.65 -12.37 20.49
CA GLY A 29 8.93 -10.97 20.26
C GLY A 29 7.82 -10.36 19.47
N GLN A 30 7.93 -10.57 18.16
CA GLN A 30 7.06 -9.97 17.13
C GLN A 30 5.60 -10.39 17.33
N GLY A 31 4.68 -9.58 16.81
CA GLY A 31 3.25 -9.87 16.86
C GLY A 31 2.89 -10.73 15.66
N PHE A 32 3.64 -11.83 15.52
CA PHE A 32 3.50 -12.88 14.51
C PHE A 32 2.75 -14.01 15.23
N PRO A 33 1.45 -14.16 14.91
CA PRO A 33 0.68 -15.29 15.43
C PRO A 33 1.13 -16.56 14.79
N ASP A 34 1.19 -17.65 15.54
CA ASP A 34 1.39 -18.96 14.93
C ASP A 34 0.27 -19.97 15.18
N ILE A 35 -0.86 -19.49 15.72
CA ILE A 35 -2.13 -20.24 15.64
C ILE A 35 -2.63 -20.27 14.18
N SER A 36 -3.57 -21.13 13.86
CA SER A 36 -4.18 -21.08 12.54
C SER A 36 -5.22 -19.99 12.44
N PRO A 37 -5.26 -19.30 11.27
CA PRO A 37 -6.38 -18.41 11.03
C PRO A 37 -7.62 -19.29 10.93
N PRO A 38 -8.82 -18.72 11.13
CA PRO A 38 -10.01 -19.54 10.92
C PRO A 38 -9.97 -20.23 9.55
N SER A 39 -10.39 -21.50 9.47
CA SER A 39 -10.37 -22.30 8.21
C SER A 39 -11.11 -21.60 7.05
N TYR A 40 -12.24 -20.96 7.38
CA TYR A 40 -13.08 -20.34 6.38
C TYR A 40 -12.39 -19.16 5.71
N VAL A 41 -11.45 -18.54 6.41
CA VAL A 41 -10.68 -17.40 5.89
C VAL A 41 -9.66 -17.89 4.85
N LYS A 42 -8.99 -18.98 5.14
CA LYS A 42 -8.12 -19.57 4.17
C LYS A 42 -8.93 -20.03 2.96
N GLU A 43 -10.06 -20.67 3.20
CA GLU A 43 -10.85 -21.27 2.11
C GLU A 43 -11.35 -20.20 1.17
N GLU A 44 -11.76 -19.07 1.74
CA GLU A 44 -12.36 -18.02 0.97
C GLU A 44 -11.38 -17.37 0.01
N LEU A 45 -10.12 -17.26 0.40
CA LEU A 45 -9.06 -16.76 -0.47
C LEU A 45 -8.81 -17.70 -1.63
N SER A 46 -8.86 -19.01 -1.37
CA SER A 46 -8.72 -20.03 -2.41
C SER A 46 -9.81 -19.92 -3.45
N LYS A 47 -11.06 -19.82 -2.96
CA LYS A 47 -12.26 -19.65 -3.76
C LYS A 47 -12.13 -18.42 -4.65
N ALA A 48 -11.73 -17.30 -4.05
CA ALA A 48 -11.49 -16.02 -4.73
C ALA A 48 -10.42 -16.13 -5.84
N ALA A 49 -9.39 -16.96 -5.62
CA ALA A 49 -8.28 -17.09 -6.52
C ALA A 49 -8.72 -17.67 -7.83
N PHE A 50 -9.76 -18.50 -7.82
CA PHE A 50 -10.17 -19.20 -9.04
C PHE A 50 -11.22 -18.45 -9.84
N ILE A 51 -11.70 -17.34 -9.29
CA ILE A 51 -12.53 -16.39 -10.01
C ILE A 51 -11.69 -15.27 -10.62
N ASP A 52 -11.46 -15.42 -11.93
CA ASP A 52 -10.97 -14.36 -12.81
C ASP A 52 -11.14 -12.92 -12.34
N ASN A 53 -12.38 -12.45 -12.26
CA ASN A 53 -12.67 -11.07 -11.83
C ASN A 53 -11.96 -10.60 -10.58
N MET A 54 -11.97 -11.45 -9.57
CA MET A 54 -11.41 -11.13 -8.28
C MET A 54 -9.89 -11.01 -8.32
N ASN A 55 -9.29 -11.44 -9.43
CA ASN A 55 -7.88 -11.21 -9.72
C ASN A 55 -7.61 -9.93 -10.54
N GLN A 56 -8.67 -9.16 -10.84
CA GLN A 56 -8.44 -7.86 -11.52
C GLN A 56 -8.72 -6.68 -10.61
N TYR A 57 -8.41 -5.48 -11.10
CA TYR A 57 -8.71 -4.25 -10.39
C TYR A 57 -10.12 -4.24 -9.78
N THR A 58 -10.22 -3.77 -8.53
CA THR A 58 -11.48 -3.46 -7.89
C THR A 58 -11.52 -1.99 -7.54
N ARG A 59 -12.56 -1.58 -6.81
CA ARG A 59 -12.78 -0.18 -6.43
C ARG A 59 -11.65 0.37 -5.56
N GLY A 60 -11.10 1.51 -5.97
CA GLY A 60 -9.98 2.11 -5.27
C GLY A 60 -10.07 2.32 -3.76
N PHE A 61 -11.25 2.65 -3.26
CA PHE A 61 -11.42 3.03 -1.86
C PHE A 61 -11.90 1.85 -1.07
N GLY A 62 -12.10 0.75 -1.80
CA GLY A 62 -12.45 -0.51 -1.23
C GLY A 62 -13.45 -1.30 -2.04
N HIS A 63 -13.21 -2.62 -2.10
CA HIS A 63 -14.08 -3.61 -2.69
C HIS A 63 -15.51 -3.46 -2.17
N PRO A 64 -16.48 -3.18 -3.07
CA PRO A 64 -17.89 -2.91 -2.66
C PRO A 64 -18.45 -3.90 -1.63
N ALA A 65 -18.20 -5.20 -1.83
CA ALA A 65 -18.66 -6.24 -0.92
C ALA A 65 -18.05 -6.03 0.46
N LEU A 66 -16.76 -5.72 0.51
CA LEU A 66 -16.07 -5.48 1.77
C LEU A 66 -16.60 -4.25 2.49
N VAL A 67 -16.59 -3.12 1.80
CA VAL A 67 -17.11 -1.93 2.43
C VAL A 67 -18.59 -2.09 2.81
N LYS A 68 -19.37 -2.83 2.01
CA LYS A 68 -20.73 -3.20 2.46
C LYS A 68 -20.66 -3.97 3.79
N ALA A 69 -19.83 -5.02 3.85
CA ALA A 69 -19.74 -5.81 5.08
C ALA A 69 -19.35 -4.92 6.27
N LEU A 70 -18.26 -4.14 6.13
CA LEU A 70 -17.79 -3.25 7.22
C LEU A 70 -18.84 -2.27 7.68
N SER A 71 -19.63 -1.75 6.76
CA SER A 71 -20.58 -0.73 7.13
C SER A 71 -21.74 -1.39 7.88
N CYS A 72 -22.01 -2.64 7.52
CA CYS A 72 -23.02 -3.43 8.23
C CYS A 72 -22.54 -3.60 9.68
N LEU A 73 -21.38 -4.27 9.88
CA LEU A 73 -20.79 -4.56 11.21
C LEU A 73 -20.62 -3.36 12.12
N TYR A 74 -20.04 -2.27 11.60
CA TYR A 74 -19.74 -1.07 12.41
C TYR A 74 -20.98 -0.23 12.63
N GLY A 75 -21.95 -0.35 11.72
CA GLY A 75 -23.30 0.12 11.93
C GLY A 75 -23.85 -0.40 13.24
N LYS A 76 -23.75 -1.72 13.42
CA LYS A 76 -24.13 -2.39 14.66
C LYS A 76 -23.41 -1.77 15.89
N ILE A 77 -22.10 -1.60 15.78
CA ILE A 77 -21.31 -1.10 16.92
C ILE A 77 -21.52 0.39 17.22
N TYR A 78 -21.64 1.24 16.20
CA TYR A 78 -21.73 2.68 16.50
C TYR A 78 -23.18 3.00 16.83
N GLN A 79 -24.07 2.05 16.48
CA GLN A 79 -25.52 2.19 16.57
C GLN A 79 -25.91 3.36 15.71
N ARG A 80 -25.31 3.43 14.53
CA ARG A 80 -25.66 4.45 13.54
C ARG A 80 -25.29 3.90 12.19
N GLN A 81 -25.83 4.48 11.13
CA GLN A 81 -25.56 4.01 9.75
C GLN A 81 -24.21 4.52 9.33
N ILE A 82 -23.43 3.60 8.81
CA ILE A 82 -22.14 3.94 8.27
C ILE A 82 -22.34 3.86 6.78
N ASP A 83 -22.03 4.96 6.12
CA ASP A 83 -21.88 5.02 4.66
C ASP A 83 -20.70 4.17 4.13
N PRO A 84 -20.99 3.06 3.38
CA PRO A 84 -19.89 2.24 2.86
C PRO A 84 -18.92 2.99 1.92
N ASN A 85 -19.40 4.03 1.19
CA ASN A 85 -18.55 4.67 0.17
C ASN A 85 -17.90 5.94 0.70
N GLU A 86 -18.61 6.68 1.52
CA GLU A 86 -18.17 8.02 1.95
C GLU A 86 -17.51 8.04 3.33
N GLU A 87 -17.82 7.02 4.13
CA GLU A 87 -17.38 7.00 5.52
C GLU A 87 -16.36 5.86 5.79
N ILE A 88 -16.05 5.09 4.73
CA ILE A 88 -15.02 4.07 4.84
C ILE A 88 -13.96 4.16 3.75
N LEU A 89 -12.71 4.00 4.20
CA LEU A 89 -11.53 3.78 3.33
C LEU A 89 -10.70 2.53 3.67
N VAL A 90 -10.68 1.57 2.75
CA VAL A 90 -9.83 0.39 2.85
C VAL A 90 -8.44 0.72 2.30
N ALA A 91 -7.42 0.40 3.10
CA ALA A 91 -6.02 0.68 2.87
C ALA A 91 -5.11 -0.49 3.28
N VAL A 92 -3.84 -0.46 2.83
CA VAL A 92 -2.83 -1.48 3.17
C VAL A 92 -2.58 -1.45 4.68
N GLY A 93 -3.28 -2.34 5.39
CA GLY A 93 -3.22 -2.46 6.84
C GLY A 93 -3.58 -1.21 7.59
N ALA A 94 -3.53 -1.32 8.91
CA ALA A 94 -3.69 -0.15 9.75
C ALA A 94 -2.56 0.85 9.59
N TYR A 95 -1.37 0.40 9.16
CA TYR A 95 -0.25 1.27 8.87
C TYR A 95 -0.73 2.30 7.86
N GLY A 96 -1.27 1.78 6.75
CA GLY A 96 -1.64 2.61 5.65
C GLY A 96 -2.76 3.55 6.04
N SER A 97 -3.70 3.01 6.83
CA SER A 97 -4.76 3.80 7.37
C SER A 97 -4.18 4.98 8.18
N LEU A 98 -3.30 4.71 9.16
CA LEU A 98 -2.62 5.77 9.90
C LEU A 98 -1.97 6.82 8.97
N PHE A 99 -1.12 6.32 8.06
CA PHE A 99 -0.48 7.13 7.02
C PHE A 99 -1.48 8.00 6.20
N ASN A 100 -2.59 7.43 5.72
CA ASN A 100 -3.62 8.26 5.08
C ASN A 100 -4.05 9.43 5.97
N SER A 101 -4.32 9.14 7.24
CA SER A 101 -4.93 10.09 8.15
C SER A 101 -4.00 11.25 8.34
N ILE A 102 -2.75 10.93 8.66
CA ILE A 102 -1.74 11.91 8.95
C ILE A 102 -1.39 12.71 7.70
N GLN A 103 -1.22 12.00 6.59
CA GLN A 103 -0.85 12.63 5.33
C GLN A 103 -1.91 13.61 4.84
N GLY A 104 -3.17 13.23 5.00
CA GLY A 104 -4.28 14.05 4.54
C GLY A 104 -4.88 15.09 5.49
N LEU A 105 -4.49 15.05 6.78
CA LEU A 105 -5.08 15.93 7.78
C LEU A 105 -4.12 16.78 8.62
N VAL A 106 -2.82 16.53 8.48
CA VAL A 106 -1.79 17.11 9.36
C VAL A 106 -0.76 17.88 8.53
N ASP A 107 -0.57 19.15 8.89
CA ASP A 107 0.27 20.07 8.12
C ASP A 107 1.57 20.30 8.85
N PRO A 108 2.62 20.76 8.14
CA PRO A 108 3.86 21.16 8.81
C PRO A 108 3.68 22.22 9.91
N GLY A 109 4.29 22.01 11.08
CA GLY A 109 4.19 22.99 12.15
C GLY A 109 3.07 22.73 13.15
N ASP A 110 2.06 21.94 12.75
CA ASP A 110 1.01 21.42 13.62
C ASP A 110 1.60 20.56 14.71
N GLU A 111 0.96 20.54 15.89
CA GLU A 111 1.33 19.59 16.97
C GLU A 111 0.40 18.39 16.96
N VAL A 112 0.96 17.21 17.18
CA VAL A 112 0.18 15.99 17.34
C VAL A 112 0.55 15.33 18.66
N ILE A 113 -0.45 15.13 19.50
CA ILE A 113 -0.20 14.60 20.85
C ILE A 113 -0.10 13.06 20.82
N ILE A 114 0.95 12.51 21.43
CA ILE A 114 1.17 11.06 21.45
C ILE A 114 1.38 10.55 22.88
N MET A 115 0.60 9.59 23.32
CA MET A 115 0.81 9.00 24.64
C MET A 115 1.93 7.95 24.68
N VAL A 116 2.84 8.04 25.65
CA VAL A 116 3.93 7.03 25.74
C VAL A 116 3.74 5.95 26.81
N PRO A 117 4.08 4.68 26.53
CA PRO A 117 4.67 4.23 25.27
C PRO A 117 3.65 4.24 24.16
N PHE A 118 4.10 4.36 22.91
CA PHE A 118 3.23 4.39 21.73
C PHE A 118 3.64 3.32 20.73
N TYR A 119 2.70 2.89 19.87
CA TYR A 119 3.12 2.11 18.68
C TYR A 119 4.11 2.93 17.87
N ASP A 120 5.32 2.40 17.71
CA ASP A 120 6.50 3.17 17.28
C ASP A 120 6.34 3.93 15.97
N CYS A 121 5.41 3.49 15.13
CA CYS A 121 5.26 4.14 13.85
C CYS A 121 4.63 5.51 13.97
N TYR A 122 3.95 5.81 15.09
CA TYR A 122 3.31 7.11 15.28
C TYR A 122 4.32 8.26 15.16
N GLU A 123 5.44 8.21 15.89
CA GLU A 123 6.35 9.33 15.85
C GLU A 123 6.88 9.63 14.41
N PRO A 124 7.55 8.65 13.72
CA PRO A 124 8.05 9.04 12.39
C PRO A 124 6.97 9.54 11.41
N MET A 125 5.79 8.89 11.38
CA MET A 125 4.67 9.35 10.55
C MET A 125 4.39 10.84 10.79
N VAL A 126 4.17 11.24 12.05
CA VAL A 126 3.91 12.66 12.32
C VAL A 126 5.07 13.59 11.93
N ARG A 127 6.29 13.11 12.11
CA ARG A 127 7.50 13.90 11.74
C ARG A 127 7.62 14.13 10.22
N MET A 128 7.44 13.08 9.42
CA MET A 128 7.49 13.19 7.97
C MET A 128 6.48 14.17 7.43
N ALA A 129 5.40 14.38 8.16
CA ALA A 129 4.39 15.33 7.69
C ALA A 129 4.76 16.75 8.10
N GLY A 130 5.98 16.92 8.64
CA GLY A 130 6.49 18.21 9.06
C GLY A 130 5.88 18.68 10.38
N ALA A 131 5.16 17.77 11.05
CA ALA A 131 4.45 18.08 12.30
C ALA A 131 5.28 17.79 13.58
N VAL A 132 4.96 18.45 14.69
CA VAL A 132 5.76 18.23 15.90
C VAL A 132 5.06 17.28 16.89
N PRO A 133 5.68 16.13 17.20
CA PRO A 133 5.08 15.23 18.18
C PRO A 133 5.20 15.82 19.60
N VAL A 134 4.11 15.83 20.33
CA VAL A 134 4.12 16.28 21.71
C VAL A 134 3.81 15.08 22.63
N PHE A 135 4.81 14.64 23.38
CA PHE A 135 4.71 13.42 24.15
C PHE A 135 4.21 13.60 25.59
N ILE A 136 3.42 12.63 26.06
CA ILE A 136 2.94 12.59 27.42
C ILE A 136 2.93 11.13 27.92
N PRO A 137 3.65 10.85 29.05
CA PRO A 137 3.71 9.45 29.53
C PRO A 137 2.44 8.96 30.20
N LEU A 138 2.12 7.68 30.04
CA LEU A 138 1.28 6.95 31.01
C LEU A 138 2.06 6.65 32.29
N ARG A 139 1.38 6.86 33.39
CA ARG A 139 1.98 6.76 34.70
C ARG A 139 1.21 5.69 35.49
N SER A 140 1.91 5.00 36.39
CA SER A 140 1.30 3.94 37.23
C SER A 140 0.63 4.56 38.42
N LYS A 141 -0.54 4.04 38.78
CA LYS A 141 -1.12 4.27 40.12
C LYS A 141 -0.89 3.02 41.01
N PRO A 142 -1.31 3.06 42.30
CA PRO A 142 -1.08 1.83 43.10
C PRO A 142 -2.00 0.67 42.75
N THR A 143 -1.49 -0.52 43.01
CA THR A 143 -2.10 -1.78 42.70
C THR A 143 -3.28 -2.05 43.65
N ASP A 144 -4.25 -2.89 43.26
CA ASP A 144 -5.23 -3.40 44.27
C ASP A 144 -4.57 -4.06 45.50
N GLY A 145 -3.36 -4.57 45.32
CA GLY A 145 -2.63 -5.32 46.31
C GLY A 145 -2.13 -6.59 45.65
N MET A 146 -3.07 -7.43 45.21
CA MET A 146 -2.82 -8.81 44.74
C MET A 146 -2.30 -8.93 43.31
N LYS A 147 -2.69 -8.00 42.43
CA LYS A 147 -2.43 -8.13 40.99
C LYS A 147 -1.88 -6.84 40.40
N TRP A 148 -0.86 -6.95 39.55
CA TRP A 148 -0.48 -5.80 38.70
C TRP A 148 -1.15 -5.86 37.29
N THR A 149 -1.96 -4.86 36.95
CA THR A 149 -2.72 -4.88 35.68
C THR A 149 -2.55 -3.63 34.81
N SER A 150 -2.82 -3.77 33.51
CA SER A 150 -2.90 -2.65 32.57
C SER A 150 -3.71 -1.49 33.11
N SER A 151 -4.70 -1.77 33.96
CA SER A 151 -5.60 -0.77 34.51
C SER A 151 -5.00 0.06 35.62
N ASP A 152 -3.79 -0.33 36.05
CA ASP A 152 -3.04 0.37 37.06
C ASP A 152 -2.14 1.38 36.37
N TRP A 153 -2.39 1.59 35.07
CA TRP A 153 -1.65 2.58 34.27
C TRP A 153 -2.69 3.60 33.77
N THR A 154 -2.45 4.88 34.03
CA THR A 154 -3.34 5.93 33.52
C THR A 154 -2.62 7.22 33.07
N PHE A 155 -3.37 8.25 32.68
CA PHE A 155 -2.72 9.53 32.41
C PHE A 155 -3.24 10.57 33.40
N ASP A 156 -2.47 11.64 33.58
CA ASP A 156 -2.82 12.78 34.42
C ASP A 156 -3.63 13.80 33.56
N PRO A 157 -4.97 13.94 33.84
CA PRO A 157 -5.82 14.86 33.07
C PRO A 157 -5.29 16.29 32.99
N ARG A 158 -4.76 16.80 34.11
CA ARG A 158 -4.21 18.16 34.16
C ARG A 158 -2.93 18.28 33.33
N GLU A 159 -2.08 17.24 33.41
CA GLU A 159 -0.91 17.11 32.52
C GLU A 159 -1.29 17.09 31.03
N LEU A 160 -2.29 16.25 30.70
CA LEU A 160 -2.81 16.16 29.34
C LEU A 160 -3.36 17.47 28.78
N GLU A 161 -4.17 18.16 29.60
CA GLU A 161 -4.72 19.47 29.25
C GLU A 161 -3.62 20.40 28.77
N SER A 162 -2.56 20.52 29.57
CA SER A 162 -1.44 21.40 29.27
C SER A 162 -0.65 20.97 28.04
N LYS A 163 -1.04 19.91 27.35
CA LYS A 163 -0.33 19.57 26.11
C LYS A 163 -1.06 20.10 24.91
N PHE A 164 -2.33 20.43 25.08
CA PHE A 164 -3.12 21.08 24.04
C PHE A 164 -2.84 22.56 24.05
N SER A 165 -2.50 23.10 22.88
CA SER A 165 -2.36 24.52 22.62
C SER A 165 -3.17 24.83 21.36
N SER A 166 -3.18 26.09 20.92
CA SER A 166 -3.77 26.43 19.62
C SER A 166 -2.98 25.82 18.44
N LYS A 167 -1.81 25.23 18.72
CA LYS A 167 -1.07 24.47 17.70
C LYS A 167 -1.43 22.97 17.62
N THR A 168 -2.24 22.43 18.54
CA THR A 168 -2.68 21.00 18.43
C THR A 168 -3.59 20.81 17.22
N LYS A 169 -3.10 20.11 16.20
CA LYS A 169 -3.97 19.59 15.15
C LYS A 169 -4.71 18.34 15.60
N ALA A 170 -4.06 17.43 16.34
CA ALA A 170 -4.65 16.10 16.62
C ALA A 170 -4.08 15.43 17.86
N ILE A 171 -4.81 14.42 18.37
CA ILE A 171 -4.29 13.45 19.38
C ILE A 171 -4.44 12.05 18.84
N ILE A 172 -3.43 11.22 19.12
CA ILE A 172 -3.45 9.82 18.72
C ILE A 172 -3.75 8.90 19.89
N LEU A 173 -4.88 8.22 19.79
CA LEU A 173 -5.33 7.28 20.78
C LEU A 173 -5.07 5.86 20.29
N ASN A 174 -4.60 4.97 21.19
CA ASN A 174 -4.46 3.52 20.90
C ASN A 174 -5.06 2.67 22.00
N THR A 175 -6.33 2.31 21.85
CA THR A 175 -6.99 1.33 22.74
C THR A 175 -7.69 0.18 21.95
N PRO A 176 -7.55 -1.11 22.37
CA PRO A 176 -6.54 -1.57 23.34
C PRO A 176 -5.08 -1.19 22.97
N HIS A 177 -4.24 -1.01 23.98
CA HIS A 177 -2.92 -0.46 23.81
C HIS A 177 -1.80 -1.47 23.52
N ASN A 178 -0.94 -1.01 22.63
CA ASN A 178 0.28 -1.72 22.31
C ASN A 178 1.35 -0.72 22.71
N PRO A 179 2.19 -1.03 23.72
CA PRO A 179 2.38 -2.37 24.30
C PRO A 179 1.80 -2.72 25.70
N LEU A 180 1.21 -1.76 26.41
CA LEU A 180 0.70 -2.03 27.78
C LEU A 180 -0.47 -3.00 27.86
N GLY A 181 -1.34 -2.98 26.85
CA GLY A 181 -2.54 -3.81 26.85
C GLY A 181 -3.68 -3.12 27.57
N LYS A 182 -3.53 -1.80 27.79
CA LYS A 182 -4.55 -0.96 28.44
C LYS A 182 -5.78 -0.76 27.55
N VAL A 183 -6.92 -0.94 28.20
CA VAL A 183 -8.25 -0.76 27.65
C VAL A 183 -8.80 0.49 28.32
N TYR A 184 -8.74 1.61 27.58
CA TYR A 184 -9.10 2.92 28.12
C TYR A 184 -10.54 2.95 28.64
N THR A 185 -10.78 3.45 29.87
CA THR A 185 -12.14 3.57 30.40
C THR A 185 -12.95 4.67 29.71
N ARG A 186 -14.27 4.65 29.94
CA ARG A 186 -15.18 5.71 29.40
C ARG A 186 -14.72 7.11 29.91
N GLN A 187 -14.39 7.19 31.20
CA GLN A 187 -13.90 8.40 31.88
C GLN A 187 -12.65 8.96 31.23
N GLU A 188 -11.73 8.06 30.94
CA GLU A 188 -10.51 8.42 30.30
C GLU A 188 -10.82 8.93 28.89
N LEU A 189 -11.67 8.21 28.13
CA LEU A 189 -11.99 8.71 26.78
C LEU A 189 -12.80 10.03 26.85
N GLN A 190 -13.53 10.19 27.97
CA GLN A 190 -14.29 11.44 28.25
C GLN A 190 -13.38 12.68 28.41
N VAL A 191 -12.24 12.49 29.06
CA VAL A 191 -11.22 13.54 29.24
C VAL A 191 -10.64 13.94 27.88
N ILE A 192 -10.22 12.94 27.12
CA ILE A 192 -9.71 13.18 25.75
C ILE A 192 -10.79 13.88 24.85
N ALA A 193 -12.02 13.34 24.87
CA ALA A 193 -13.12 13.90 24.12
C ALA A 193 -13.25 15.38 24.45
N ASP A 194 -13.45 15.70 25.75
CA ASP A 194 -13.58 17.09 26.29
C ASP A 194 -12.58 18.08 25.69
N LEU A 195 -11.32 17.68 25.69
CA LEU A 195 -10.25 18.49 25.22
C LEU A 195 -10.30 18.74 23.70
N CYS A 196 -10.59 17.69 22.90
CA CYS A 196 -10.64 17.87 21.44
C CYS A 196 -11.77 18.81 21.12
N VAL A 197 -12.88 18.75 21.88
CA VAL A 197 -13.95 19.72 21.62
C VAL A 197 -13.62 21.09 22.17
N LYS A 198 -13.05 21.19 23.37
CA LYS A 198 -12.54 22.49 23.84
C LYS A 198 -11.59 23.10 22.80
N HIS A 199 -10.57 22.37 22.31
CA HIS A 199 -9.61 22.97 21.36
C HIS A 199 -9.90 22.86 19.86
N ASP A 200 -11.07 22.33 19.47
CA ASP A 200 -11.40 22.03 18.06
C ASP A 200 -10.22 21.27 17.44
N THR A 201 -10.02 20.03 17.86
CA THR A 201 -8.95 19.20 17.31
C THR A 201 -9.47 17.84 16.90
N LEU A 202 -8.65 17.16 16.11
CA LEU A 202 -8.96 15.82 15.66
C LEU A 202 -8.50 14.80 16.67
N CYS A 203 -9.14 13.63 16.61
CA CYS A 203 -8.68 12.44 17.31
C CYS A 203 -8.52 11.30 16.32
N ILE A 204 -7.30 10.78 16.22
CA ILE A 204 -7.05 9.56 15.45
C ILE A 204 -6.99 8.37 16.42
N SER A 205 -7.86 7.39 16.20
CA SER A 205 -8.03 6.28 17.13
C SER A 205 -7.69 4.88 16.55
N ASP A 206 -6.56 4.33 17.03
CA ASP A 206 -6.04 3.00 16.62
C ASP A 206 -6.66 1.89 17.41
N GLU A 207 -7.67 1.25 16.81
CA GLU A 207 -8.49 0.29 17.51
C GLU A 207 -8.50 -1.14 16.91
N VAL A 208 -7.38 -1.49 16.27
CA VAL A 208 -7.12 -2.83 15.71
C VAL A 208 -7.33 -4.00 16.66
N TYR A 209 -7.16 -3.76 17.95
CA TYR A 209 -7.35 -4.80 18.93
C TYR A 209 -8.74 -4.78 19.60
N GLU A 210 -9.68 -3.99 19.05
CA GLU A 210 -11.07 -3.90 19.54
C GLU A 210 -11.74 -5.21 20.02
N TRP A 211 -11.44 -6.32 19.36
CA TRP A 211 -12.07 -7.59 19.72
C TRP A 211 -11.37 -8.29 20.85
N LEU A 212 -10.09 -7.96 21.07
CA LEU A 212 -9.31 -8.61 22.11
C LEU A 212 -9.33 -7.86 23.44
N VAL A 213 -10.50 -7.83 24.10
CA VAL A 213 -10.58 -7.37 25.50
C VAL A 213 -11.01 -8.53 26.42
N TYR A 214 -10.48 -8.56 27.63
CA TYR A 214 -10.74 -9.70 28.52
C TYR A 214 -11.73 -9.34 29.60
N THR A 215 -12.30 -10.36 30.25
CA THR A 215 -13.48 -10.13 31.12
C THR A 215 -13.21 -9.08 32.18
N GLY A 216 -14.24 -8.31 32.49
CA GLY A 216 -14.11 -7.16 33.34
C GLY A 216 -13.78 -5.89 32.60
N HIS A 217 -13.51 -5.98 31.29
CA HIS A 217 -13.27 -4.78 30.45
C HIS A 217 -14.15 -4.73 29.22
N THR A 218 -14.31 -3.53 28.68
CA THR A 218 -15.17 -3.30 27.52
C THR A 218 -14.52 -2.32 26.60
N HIS A 219 -14.32 -2.68 25.34
CA HIS A 219 -13.94 -1.68 24.33
C HIS A 219 -15.02 -0.61 24.18
N VAL A 220 -14.65 0.65 24.39
CA VAL A 220 -15.57 1.76 24.21
C VAL A 220 -14.92 2.54 23.09
N LYS A 221 -15.71 3.03 22.13
CA LYS A 221 -15.15 3.75 20.98
C LYS A 221 -15.30 5.22 21.21
N ILE A 222 -14.19 5.92 21.39
CA ILE A 222 -14.21 7.37 21.61
C ILE A 222 -15.15 8.10 20.63
N ALA A 223 -15.07 7.72 19.37
CA ALA A 223 -15.85 8.31 18.29
C ALA A 223 -17.36 8.28 18.58
N THR A 224 -17.80 7.37 19.45
CA THR A 224 -19.21 7.34 19.82
C THR A 224 -19.61 8.31 20.95
N LEU A 225 -18.68 9.08 21.51
CA LEU A 225 -19.04 9.97 22.62
C LEU A 225 -19.68 11.19 22.01
N PRO A 226 -20.39 12.02 22.83
CA PRO A 226 -20.95 13.31 22.35
C PRO A 226 -19.88 14.22 21.74
N GLY A 227 -20.18 14.80 20.59
CA GLY A 227 -19.26 15.64 19.84
C GLY A 227 -18.10 14.99 19.09
N MET A 228 -17.96 13.67 19.15
CA MET A 228 -16.72 13.08 18.63
C MET A 228 -16.78 12.52 17.20
N TRP A 229 -17.96 12.09 16.76
CA TRP A 229 -18.13 11.55 15.43
C TRP A 229 -17.54 12.48 14.37
N GLU A 230 -17.96 13.75 14.41
CA GLU A 230 -17.50 14.81 13.48
C GLU A 230 -16.00 15.02 13.44
N ARG A 231 -15.29 14.58 14.46
CA ARG A 231 -13.88 14.88 14.59
C ARG A 231 -12.94 13.70 14.83
N THR A 232 -13.39 12.47 14.55
CA THR A 232 -12.60 11.28 14.83
C THR A 232 -12.46 10.36 13.61
N ILE A 233 -11.23 9.91 13.38
CA ILE A 233 -10.93 8.83 12.49
C ILE A 233 -10.62 7.58 13.30
N THR A 234 -11.37 6.50 13.09
CA THR A 234 -11.18 5.22 13.82
C THR A 234 -10.73 4.07 12.92
N ILE A 235 -9.61 3.46 13.33
CA ILE A 235 -8.86 2.47 12.54
C ILE A 235 -9.02 1.04 13.04
N GLY A 236 -8.88 0.08 12.13
CA GLY A 236 -9.16 -1.31 12.35
C GLY A 236 -8.41 -2.03 11.25
N SER A 237 -8.15 -3.33 11.47
CA SER A 237 -7.23 -4.13 10.67
C SER A 237 -7.66 -5.59 10.56
N ALA A 238 -7.48 -6.12 9.37
CA ALA A 238 -7.81 -7.51 9.09
C ALA A 238 -6.85 -8.49 9.77
N GLY A 239 -5.58 -8.14 9.88
CA GLY A 239 -4.59 -9.01 10.54
C GLY A 239 -5.07 -9.33 11.94
N LYS A 240 -5.55 -8.31 12.64
CA LYS A 240 -5.90 -8.41 14.06
C LYS A 240 -7.29 -9.06 14.15
N THR A 241 -8.20 -8.70 13.27
CA THR A 241 -9.52 -9.32 13.33
C THR A 241 -9.53 -10.80 12.95
N PHE A 242 -8.86 -11.14 11.86
CA PHE A 242 -8.92 -12.53 11.41
C PHE A 242 -7.67 -13.38 11.62
N SER A 243 -6.69 -12.83 12.35
CA SER A 243 -5.42 -13.52 12.70
C SER A 243 -4.71 -13.85 11.40
N VAL A 244 -4.87 -12.91 10.48
CA VAL A 244 -4.32 -13.07 9.18
C VAL A 244 -3.45 -11.84 8.81
N THR A 245 -2.34 -11.71 9.54
CA THR A 245 -1.56 -10.45 9.60
C THR A 245 -0.90 -10.13 8.27
N GLY A 246 -0.63 -11.20 7.50
CA GLY A 246 0.01 -11.12 6.20
C GLY A 246 -0.90 -10.67 5.08
N TRP A 247 -2.15 -10.29 5.41
CA TRP A 247 -3.10 -9.80 4.40
C TRP A 247 -2.99 -8.32 4.20
N LYS A 248 -2.49 -7.63 5.24
CA LYS A 248 -2.26 -6.19 5.22
C LYS A 248 -3.43 -5.45 4.59
N LEU A 249 -4.56 -5.51 5.28
CA LEU A 249 -5.73 -4.71 4.95
C LEU A 249 -6.27 -4.05 6.23
N GLY A 250 -6.51 -2.74 6.16
CA GLY A 250 -7.15 -2.03 7.25
C GLY A 250 -8.18 -1.05 6.75
N TRP A 251 -8.94 -0.49 7.67
CA TRP A 251 -9.96 0.49 7.35
C TRP A 251 -9.85 1.66 8.34
N SER A 252 -10.35 2.80 7.86
CA SER A 252 -10.46 4.06 8.53
C SER A 252 -11.95 4.33 8.42
N ILE A 253 -12.61 4.50 9.55
CA ILE A 253 -14.01 4.81 9.60
C ILE A 253 -14.08 6.16 10.27
N GLY A 254 -14.97 7.02 9.76
CA GLY A 254 -15.12 8.41 10.23
C GLY A 254 -16.05 9.26 9.36
N PRO A 255 -16.20 10.55 9.72
CA PRO A 255 -17.14 11.43 8.97
C PRO A 255 -16.72 11.67 7.51
N ALA A 256 -17.69 11.88 6.62
CA ALA A 256 -17.40 12.02 5.16
C ALA A 256 -16.46 13.19 4.80
N HIS A 257 -16.48 14.28 5.56
CA HIS A 257 -15.58 15.39 5.31
C HIS A 257 -14.14 15.13 5.74
N LEU A 258 -13.92 14.27 6.74
CA LEU A 258 -12.53 13.82 7.02
C LEU A 258 -12.11 12.65 6.12
N ILE A 259 -13.02 11.71 5.91
CA ILE A 259 -12.63 10.57 5.11
C ILE A 259 -12.23 10.96 3.70
N LYS A 260 -12.80 12.04 3.16
CA LYS A 260 -12.51 12.43 1.75
C LYS A 260 -11.05 12.81 1.61
N HIS A 261 -10.55 13.51 2.62
CA HIS A 261 -9.13 13.91 2.64
C HIS A 261 -8.17 12.67 2.61
N LEU A 262 -8.54 11.58 3.30
CA LEU A 262 -7.78 10.32 3.28
C LEU A 262 -7.81 9.63 1.94
N GLN A 263 -8.95 9.72 1.27
CA GLN A 263 -9.13 9.12 -0.04
C GLN A 263 -8.28 9.91 -1.05
N THR A 264 -8.19 11.21 -0.85
CA THR A 264 -7.34 12.00 -1.71
C THR A 264 -5.93 11.48 -1.64
N VAL A 265 -5.42 11.18 -0.42
CA VAL A 265 -4.06 10.62 -0.28
C VAL A 265 -3.90 9.26 -0.98
N GLN A 266 -4.82 8.35 -0.66
CA GLN A 266 -4.82 7.02 -1.21
C GLN A 266 -4.76 6.93 -2.75
N GLN A 267 -5.67 7.65 -3.42
CA GLN A 267 -5.71 7.73 -4.88
C GLN A 267 -4.44 8.30 -5.50
N ASN A 268 -3.73 9.13 -4.74
CA ASN A 268 -2.46 9.64 -5.18
C ASN A 268 -1.26 8.86 -4.65
N SER A 269 -1.48 7.70 -4.03
CA SER A 269 -0.34 6.90 -3.56
C SER A 269 -0.27 5.46 -4.14
N PHE A 270 -1.14 4.57 -3.69
CA PHE A 270 -1.15 3.24 -4.27
C PHE A 270 -2.49 2.91 -4.91
N TYR A 271 -3.49 3.74 -4.60
CA TYR A 271 -4.85 3.60 -5.14
C TYR A 271 -5.61 2.36 -4.62
N THR A 272 -5.52 1.25 -5.33
CA THR A 272 -6.34 0.08 -5.02
C THR A 272 -5.59 -0.77 -4.02
N CYS A 273 -6.33 -1.57 -3.27
CA CYS A 273 -5.77 -2.69 -2.53
C CYS A 273 -6.14 -3.92 -3.33
N ALA A 274 -5.58 -5.07 -2.96
CA ALA A 274 -5.75 -6.29 -3.74
C ALA A 274 -7.21 -6.68 -3.73
N THR A 275 -7.70 -7.17 -4.85
CA THR A 275 -9.07 -7.65 -4.93
C THR A 275 -9.34 -8.97 -4.19
N PRO A 276 -8.53 -10.05 -4.43
CA PRO A 276 -8.93 -11.33 -3.83
C PRO A 276 -8.90 -11.31 -2.31
N LEU A 277 -7.94 -10.61 -1.70
CA LEU A 277 -7.89 -10.55 -0.23
C LEU A 277 -9.12 -9.87 0.28
N GLN A 278 -9.51 -8.74 -0.34
CA GLN A 278 -10.75 -7.99 0.00
C GLN A 278 -11.99 -8.83 -0.22
N ALA A 279 -12.06 -9.52 -1.36
CA ALA A 279 -13.16 -10.42 -1.69
C ALA A 279 -13.31 -11.51 -0.65
N ALA A 280 -12.22 -12.18 -0.37
CA ALA A 280 -12.16 -13.19 0.66
C ALA A 280 -12.55 -12.64 2.04
N LEU A 281 -12.04 -11.45 2.39
CA LEU A 281 -12.29 -10.92 3.71
C LEU A 281 -13.79 -10.56 3.89
N ALA A 282 -14.40 -10.02 2.83
CA ALA A 282 -15.80 -9.63 2.81
C ALA A 282 -16.65 -10.81 3.25
N GLU A 283 -16.27 -12.00 2.79
CA GLU A 283 -17.01 -13.24 2.99
C GLU A 283 -16.85 -13.76 4.41
N ALA A 284 -15.60 -13.75 4.90
CA ALA A 284 -15.31 -13.98 6.32
C ALA A 284 -16.17 -13.09 7.24
N PHE A 285 -16.22 -11.78 6.95
CA PHE A 285 -17.02 -10.84 7.72
C PHE A 285 -18.50 -11.22 7.71
N TRP A 286 -19.01 -11.68 6.56
CA TRP A 286 -20.42 -12.11 6.52
C TRP A 286 -20.61 -13.35 7.38
N ILE A 287 -19.67 -14.28 7.28
CA ILE A 287 -19.76 -15.50 8.06
C ILE A 287 -19.86 -15.16 9.56
N ASP A 288 -19.02 -14.23 10.03
CA ASP A 288 -19.03 -13.92 11.44
C ASP A 288 -20.02 -12.87 11.88
N ILE A 289 -20.39 -11.93 10.98
CA ILE A 289 -21.47 -10.97 11.25
C ILE A 289 -22.80 -11.68 11.55
N LYS A 290 -23.15 -12.63 10.70
CA LYS A 290 -24.40 -13.38 10.82
C LYS A 290 -24.49 -14.23 12.11
N ARG A 291 -23.43 -14.29 12.91
CA ARG A 291 -23.48 -15.07 14.15
C ARG A 291 -22.93 -14.35 15.40
N MET A 292 -22.98 -13.02 15.39
CA MET A 292 -22.35 -12.22 16.44
C MET A 292 -22.70 -12.58 17.87
N ASP A 293 -23.94 -13.00 18.08
CA ASP A 293 -24.40 -13.45 19.40
C ASP A 293 -23.84 -14.80 19.90
N ASP A 294 -23.35 -15.66 19.00
CA ASP A 294 -22.91 -17.00 19.41
C ASP A 294 -21.44 -17.08 19.83
N PRO A 295 -21.13 -17.95 20.81
CA PRO A 295 -19.75 -18.29 21.15
C PRO A 295 -18.85 -18.67 19.96
N GLU A 296 -19.44 -19.06 18.82
CA GLU A 296 -18.76 -19.59 17.61
C GLU A 296 -18.10 -18.51 16.78
N CYS A 297 -18.71 -17.33 16.82
CA CYS A 297 -18.31 -16.15 16.12
C CYS A 297 -16.88 -15.85 16.51
N TYR A 298 -16.03 -15.58 15.52
CA TYR A 298 -14.60 -15.40 15.80
C TYR A 298 -14.26 -14.21 16.68
N PHE A 299 -15.15 -13.22 16.69
CA PHE A 299 -15.04 -12.06 17.55
C PHE A 299 -15.23 -12.44 19.01
N ASN A 300 -15.88 -13.58 19.24
CA ASN A 300 -15.99 -14.13 20.60
C ASN A 300 -14.96 -15.20 20.93
N SER A 301 -14.80 -16.19 20.05
CA SER A 301 -13.93 -17.31 20.40
C SER A 301 -12.49 -16.88 20.62
N LEU A 302 -12.00 -15.95 19.79
CA LEU A 302 -10.59 -15.53 19.87
C LEU A 302 -10.17 -14.89 21.20
N PRO A 303 -10.89 -13.83 21.71
CA PRO A 303 -10.48 -13.38 23.08
C PRO A 303 -10.56 -14.52 24.09
N LYS A 304 -11.63 -15.33 24.03
CA LYS A 304 -11.82 -16.43 24.97
C LYS A 304 -10.59 -17.33 25.00
N GLU A 305 -10.02 -17.65 23.82
CA GLU A 305 -8.86 -18.53 23.64
C GLU A 305 -7.65 -17.80 24.25
N LEU A 306 -7.47 -16.54 23.90
CA LEU A 306 -6.32 -15.77 24.33
C LEU A 306 -6.30 -15.46 25.82
N GLU A 307 -7.46 -15.25 26.45
CA GLU A 307 -7.54 -14.97 27.89
C GLU A 307 -6.88 -16.11 28.69
N VAL A 308 -7.12 -17.33 28.20
CA VAL A 308 -6.54 -18.54 28.75
C VAL A 308 -5.00 -18.46 28.61
N LYS A 309 -4.54 -18.23 27.38
CA LYS A 309 -3.12 -18.17 27.05
C LYS A 309 -2.45 -17.05 27.81
N ARG A 310 -3.16 -15.95 28.02
CA ARG A 310 -2.64 -14.80 28.76
C ARG A 310 -2.29 -15.28 30.13
N ASP A 311 -3.26 -15.94 30.79
CA ASP A 311 -3.13 -16.39 32.16
C ASP A 311 -1.98 -17.38 32.41
N ARG A 312 -1.76 -18.26 31.43
CA ARG A 312 -0.57 -19.10 31.33
C ARG A 312 0.75 -18.28 31.36
N MET A 313 0.80 -17.21 30.57
CA MET A 313 1.88 -16.25 30.58
C MET A 313 2.10 -15.45 31.87
N VAL A 314 1.08 -14.84 32.46
CA VAL A 314 1.23 -14.31 33.82
C VAL A 314 2.02 -15.31 34.69
N ARG A 315 1.62 -16.58 34.70
CA ARG A 315 2.24 -17.56 35.57
C ARG A 315 3.68 -17.85 35.20
N LEU A 316 3.93 -18.13 33.92
CA LEU A 316 5.30 -18.45 33.48
C LEU A 316 6.31 -17.36 33.81
N LEU A 317 5.92 -16.10 33.60
CA LEU A 317 6.76 -14.98 33.94
C LEU A 317 6.98 -14.86 35.45
N ASN A 318 5.88 -14.88 36.23
CA ASN A 318 5.93 -14.90 37.70
C ASN A 318 6.88 -15.99 38.18
N SER A 319 6.80 -17.16 37.55
CA SER A 319 7.54 -18.32 37.96
C SER A 319 9.05 -18.08 38.09
N VAL A 320 9.60 -17.32 37.15
CA VAL A 320 11.02 -16.96 37.06
C VAL A 320 11.30 -15.58 37.72
N GLY A 321 10.35 -15.05 38.49
CA GLY A 321 10.60 -13.79 39.20
C GLY A 321 10.39 -12.52 38.37
N LEU A 322 10.01 -12.69 37.10
CA LEU A 322 9.61 -11.59 36.23
C LEU A 322 8.25 -11.07 36.68
N LYS A 323 8.12 -9.75 36.90
CA LYS A 323 6.88 -9.14 37.43
C LYS A 323 5.98 -8.67 36.25
N PRO A 324 4.91 -9.44 35.93
CA PRO A 324 4.11 -9.10 34.77
C PRO A 324 3.06 -8.05 35.04
N ILE A 325 2.74 -7.26 34.00
CA ILE A 325 1.57 -6.41 34.03
C ILE A 325 0.48 -7.09 33.23
N VAL A 326 -0.50 -7.68 33.91
CA VAL A 326 -1.56 -8.40 33.21
C VAL A 326 -2.47 -7.46 32.40
N PRO A 327 -2.52 -7.67 31.04
CA PRO A 327 -3.16 -6.75 30.13
C PRO A 327 -4.69 -6.90 30.13
N ASP A 328 -5.43 -5.77 30.07
CA ASP A 328 -6.89 -5.78 29.97
C ASP A 328 -7.34 -6.29 28.59
N GLY A 329 -6.51 -6.08 27.58
CA GLY A 329 -6.80 -6.48 26.23
C GLY A 329 -5.50 -6.63 25.44
N GLY A 330 -5.62 -6.95 24.16
CA GLY A 330 -4.47 -7.23 23.29
C GLY A 330 -3.82 -8.58 23.51
N TYR A 331 -2.72 -8.83 22.79
CA TYR A 331 -2.01 -10.08 22.98
C TYR A 331 -0.55 -9.89 23.30
N PHE A 332 -0.25 -8.77 23.92
CA PHE A 332 1.07 -8.56 24.52
C PHE A 332 1.02 -8.45 26.07
N ILE A 333 2.07 -8.99 26.69
CA ILE A 333 2.28 -8.86 28.11
C ILE A 333 3.63 -8.22 28.36
N ILE A 334 3.59 -7.11 29.10
CA ILE A 334 4.79 -6.41 29.60
C ILE A 334 5.20 -6.96 30.98
N ALA A 335 6.46 -7.33 31.13
CA ALA A 335 7.00 -7.75 32.43
C ALA A 335 8.15 -6.86 32.84
N ASP A 336 8.18 -6.46 34.10
CA ASP A 336 9.34 -5.76 34.67
C ASP A 336 10.41 -6.77 34.97
N VAL A 337 11.65 -6.44 34.62
CA VAL A 337 12.78 -7.39 34.71
C VAL A 337 13.85 -6.99 35.74
N SER A 338 13.73 -5.80 36.31
CA SER A 338 14.74 -5.25 37.19
C SER A 338 15.03 -6.13 38.43
N SER A 339 14.08 -7.01 38.76
CA SER A 339 14.27 -7.90 39.90
C SER A 339 14.90 -9.22 39.50
N LEU A 340 15.99 -9.17 38.74
CA LEU A 340 16.79 -10.36 38.43
C LEU A 340 18.28 -10.00 38.45
N GLY A 341 18.55 -8.68 38.56
CA GLY A 341 19.90 -8.08 38.54
C GLY A 341 20.89 -8.59 37.50
N ALA A 342 20.40 -8.86 36.29
CA ALA A 342 21.03 -9.81 35.36
C ALA A 342 22.53 -9.65 35.04
N ASP A 343 23.11 -10.76 34.55
CA ASP A 343 24.56 -10.98 34.35
C ASP A 343 25.21 -10.15 33.23
N LEU A 344 24.45 -9.16 32.75
CA LEU A 344 24.92 -8.00 31.96
C LEU A 344 25.39 -6.86 32.85
N SER A 345 25.95 -5.85 32.19
CA SER A 345 26.87 -4.84 32.73
C SER A 345 27.90 -4.69 31.64
N ASP A 346 28.02 -5.75 30.84
CA ASP A 346 29.14 -6.00 29.93
C ASP A 346 28.74 -6.42 28.49
N MET A 347 27.55 -6.01 28.04
CA MET A 347 27.39 -5.54 26.67
C MET A 347 27.73 -4.07 26.90
N ASN A 348 28.75 -3.59 26.23
CA ASN A 348 29.30 -2.31 26.65
C ASN A 348 28.72 -1.03 26.00
N SER A 349 27.91 -1.18 24.97
CA SER A 349 27.30 -0.04 24.25
C SER A 349 26.34 0.80 25.11
N ASP A 350 25.84 1.90 24.54
CA ASP A 350 24.95 2.83 25.27
C ASP A 350 23.46 2.60 24.98
N GLU A 351 23.11 1.35 24.63
CA GLU A 351 21.72 0.86 24.56
C GLU A 351 20.97 1.03 25.91
N PRO A 352 19.61 1.14 25.88
CA PRO A 352 18.86 1.01 27.15
C PRO A 352 19.00 -0.38 27.77
N TYR A 353 18.77 -0.47 29.10
CA TYR A 353 18.74 -1.74 29.85
C TYR A 353 18.00 -2.88 29.11
N ASP A 354 16.74 -2.62 28.69
CA ASP A 354 15.93 -3.65 28.05
C ASP A 354 16.46 -4.19 26.73
N TYR A 355 17.03 -3.36 25.83
CA TYR A 355 17.67 -3.97 24.63
C TYR A 355 18.76 -4.97 25.07
N LYS A 356 19.57 -4.58 26.07
CA LYS A 356 20.55 -5.46 26.69
C LYS A 356 19.93 -6.73 27.31
N PHE A 357 18.96 -6.56 28.20
CA PHE A 357 18.27 -7.73 28.73
C PHE A 357 17.83 -8.73 27.65
N VAL A 358 17.26 -8.24 26.56
CA VAL A 358 16.73 -9.13 25.54
C VAL A 358 17.82 -9.85 24.78
N LYS A 359 18.90 -9.12 24.47
CA LYS A 359 20.10 -9.71 23.88
C LYS A 359 20.63 -10.86 24.78
N TRP A 360 20.82 -10.56 26.05
CA TRP A 360 21.27 -11.56 27.01
C TRP A 360 20.34 -12.76 27.00
N MET A 361 19.02 -12.52 27.17
CA MET A 361 18.00 -13.56 27.20
C MET A 361 17.96 -14.46 25.94
N THR A 362 18.31 -13.89 24.80
CA THR A 362 18.37 -14.61 23.53
C THR A 362 19.61 -15.54 23.48
N LYS A 363 20.81 -14.99 23.75
CA LYS A 363 22.06 -15.76 23.78
C LYS A 363 21.97 -16.87 24.85
N HIS A 364 21.56 -16.50 26.05
CA HIS A 364 21.69 -17.37 27.20
C HIS A 364 20.43 -18.22 27.40
N LYS A 365 19.25 -17.63 27.32
CA LYS A 365 18.04 -18.37 27.70
C LYS A 365 17.24 -18.89 26.53
N LYS A 366 17.65 -18.57 25.30
CA LYS A 366 17.03 -19.06 24.05
C LYS A 366 15.57 -18.59 23.82
N LEU A 367 15.27 -17.37 24.27
CA LEU A 367 13.94 -16.74 24.16
C LEU A 367 14.07 -15.25 23.79
N THR A 368 13.33 -14.79 22.77
CA THR A 368 13.30 -13.34 22.45
C THR A 368 12.02 -12.66 22.91
N ALA A 369 12.16 -11.36 23.16
CA ALA A 369 11.05 -10.45 23.43
C ALA A 369 11.38 -9.05 22.88
N ILE A 370 10.48 -8.11 23.04
CA ILE A 370 10.71 -6.76 22.54
C ILE A 370 10.89 -5.84 23.74
N PRO A 371 11.98 -5.05 23.74
CA PRO A 371 12.21 -4.03 24.77
C PRO A 371 11.17 -2.90 24.68
N VAL A 372 10.62 -2.46 25.80
CA VAL A 372 9.54 -1.47 25.75
C VAL A 372 10.08 -0.07 25.33
N SER A 373 11.37 0.14 25.51
CA SER A 373 11.95 1.42 25.13
C SER A 373 11.95 1.65 23.58
N ALA A 374 11.62 0.60 22.84
CA ALA A 374 11.41 0.70 21.40
C ALA A 374 10.13 1.49 21.10
N PHE A 375 9.33 1.69 22.14
CA PHE A 375 8.05 2.37 22.03
C PHE A 375 8.03 3.75 22.76
N CYS A 376 9.19 4.37 22.92
CA CYS A 376 9.37 5.60 23.70
C CYS A 376 10.33 6.56 22.98
N ASP A 377 9.97 7.83 23.00
CA ASP A 377 10.86 8.92 22.58
C ASP A 377 11.99 9.02 23.61
N SER A 378 13.10 9.66 23.20
CA SER A 378 14.29 9.89 24.04
C SER A 378 14.10 10.19 25.51
N LYS A 379 13.53 11.34 25.83
CA LYS A 379 13.30 11.71 27.22
C LYS A 379 12.58 10.57 28.03
N SER A 380 11.74 9.77 27.37
CA SER A 380 10.92 8.74 28.04
C SER A 380 11.61 7.43 28.37
N LYS A 381 12.65 7.10 27.61
CA LYS A 381 13.29 5.78 27.71
C LYS A 381 13.70 5.40 29.14
N PRO A 382 14.46 6.29 29.86
CA PRO A 382 14.90 5.88 31.20
C PRO A 382 13.71 5.53 32.13
N HIS A 383 12.56 6.14 31.90
CA HIS A 383 11.39 5.86 32.72
C HIS A 383 10.66 4.57 32.35
N PHE A 384 11.14 3.89 31.29
CA PHE A 384 10.56 2.62 30.83
C PHE A 384 11.51 1.47 30.50
N GLU A 385 12.83 1.67 30.62
CA GLU A 385 13.83 0.70 30.14
C GLU A 385 14.01 -0.61 30.91
N LYS A 386 13.33 -0.77 32.04
CA LYS A 386 13.36 -2.04 32.78
C LYS A 386 12.22 -3.03 32.37
N LEU A 387 11.38 -2.56 31.41
CA LEU A 387 10.18 -3.26 30.94
C LEU A 387 10.42 -3.99 29.62
N VAL A 388 9.87 -5.19 29.51
CA VAL A 388 10.05 -6.03 28.32
C VAL A 388 8.71 -6.67 27.96
N ARG A 389 8.39 -6.67 26.65
CA ARG A 389 7.08 -7.09 26.14
C ARG A 389 7.19 -8.44 25.49
N PHE A 390 6.18 -9.29 25.74
CA PHE A 390 6.09 -10.65 25.22
C PHE A 390 4.77 -10.83 24.47
N CYS A 391 4.77 -11.57 23.39
CA CYS A 391 3.53 -11.81 22.64
C CYS A 391 3.00 -13.22 22.91
N PHE A 392 1.67 -13.33 23.11
CA PHE A 392 1.04 -14.64 23.40
C PHE A 392 -0.02 -15.13 22.43
N ILE A 393 -0.07 -14.55 21.24
CA ILE A 393 -0.96 -15.10 20.22
C ILE A 393 -0.22 -16.30 19.60
N LYS A 394 0.14 -17.25 20.46
CA LYS A 394 0.89 -18.43 20.02
C LYS A 394 0.07 -19.68 20.22
N LYS A 395 0.39 -20.73 19.46
CA LYS A 395 -0.23 -22.03 19.67
C LYS A 395 0.38 -22.77 20.88
N ASP A 396 -0.34 -23.76 21.40
CA ASP A 396 0.08 -24.56 22.56
C ASP A 396 1.53 -25.03 22.57
N SER A 397 1.96 -25.58 21.42
CA SER A 397 3.27 -26.20 21.25
C SER A 397 4.36 -25.18 21.51
N THR A 398 4.09 -23.94 21.10
CA THR A 398 5.03 -22.84 21.23
C THR A 398 5.13 -22.44 22.68
N LEU A 399 3.98 -22.25 23.32
CA LEU A 399 3.98 -21.88 24.73
C LEU A 399 4.58 -22.97 25.63
N ASP A 400 4.33 -24.25 25.31
CA ASP A 400 5.08 -25.38 25.88
C ASP A 400 6.63 -25.18 25.84
N ALA A 401 7.16 -24.99 24.63
CA ALA A 401 8.58 -24.69 24.40
C ALA A 401 9.11 -23.52 25.27
N ALA A 402 8.28 -22.48 25.37
CA ALA A 402 8.51 -21.37 26.26
C ALA A 402 8.57 -21.89 27.69
N GLU A 403 7.56 -22.70 28.10
CA GLU A 403 7.50 -23.25 29.47
C GLU A 403 8.74 -24.09 29.85
N GLU A 404 9.18 -24.95 28.92
CA GLU A 404 10.42 -25.67 29.11
C GLU A 404 11.61 -24.75 29.46
N ILE A 405 11.77 -23.63 28.75
CA ILE A 405 12.84 -22.62 29.04
C ILE A 405 12.74 -22.00 30.44
N PHE A 406 11.52 -21.63 30.83
CA PHE A 406 11.31 -21.03 32.13
C PHE A 406 11.56 -22.02 33.25
N ARG A 407 11.16 -23.28 33.08
CA ARG A 407 11.33 -24.30 34.13
C ARG A 407 12.81 -24.58 34.35
N ALA A 408 13.54 -24.65 33.23
CA ALA A 408 15.01 -24.80 33.23
C ALA A 408 15.79 -23.52 33.53
N TRP A 409 15.13 -22.48 34.05
CA TRP A 409 15.80 -21.18 34.22
C TRP A 409 16.79 -21.18 35.38
N ASN A 410 16.46 -21.87 36.48
CA ASN A 410 17.40 -22.07 37.60
C ASN A 410 17.25 -23.44 38.24
N ASN B 1 -8.59 19.38 5.52
CA ASN B 1 -7.67 19.03 4.34
C ASN B 1 -6.24 19.58 4.40
N ALA B 2 -5.23 18.72 4.35
CA ALA B 2 -3.81 19.17 4.49
C ALA B 2 -3.33 19.84 3.21
N LYS B 3 -2.58 20.92 3.37
CA LYS B 3 -2.08 21.71 2.27
C LYS B 3 -1.45 20.91 1.15
N ARG B 4 -0.71 19.85 1.51
CA ARG B 4 0.05 19.06 0.51
C ARG B 4 -0.83 18.36 -0.52
N ILE B 5 -2.11 18.19 -0.17
CA ILE B 5 -3.08 17.59 -1.12
C ILE B 5 -4.03 18.59 -1.77
N GLU B 6 -3.81 19.90 -1.52
CA GLU B 6 -4.65 20.99 -2.06
C GLU B 6 -4.90 20.84 -3.56
N GLY B 7 -6.17 20.76 -3.94
CA GLY B 7 -6.56 20.66 -5.32
C GLY B 7 -5.99 19.45 -6.01
N LEU B 8 -5.66 18.41 -5.24
CA LEU B 8 -5.32 17.09 -5.81
C LEU B 8 -6.43 16.08 -5.64
N ASP B 9 -7.64 16.56 -5.32
CA ASP B 9 -8.72 15.65 -4.99
C ASP B 9 -9.40 15.15 -6.21
N SER B 10 -9.45 15.96 -7.26
CA SER B 10 -9.89 15.45 -8.58
C SER B 10 -8.92 14.37 -9.10
N ASN B 11 -9.48 13.21 -9.37
CA ASN B 11 -8.78 12.13 -9.98
C ASN B 11 -9.56 11.75 -11.23
N VAL B 12 -8.82 11.65 -12.32
CA VAL B 12 -9.36 11.34 -13.64
C VAL B 12 -10.31 10.11 -13.66
N TRP B 13 -9.89 9.05 -12.96
CA TRP B 13 -10.52 7.72 -12.96
C TRP B 13 -11.77 7.62 -12.08
N VAL B 14 -11.74 8.33 -10.95
CA VAL B 14 -12.93 8.61 -10.15
C VAL B 14 -14.02 9.19 -11.08
N GLU B 15 -13.65 10.18 -11.91
CA GLU B 15 -14.58 10.77 -12.89
C GLU B 15 -15.23 9.84 -13.95
N PHE B 16 -14.52 8.76 -14.35
CA PHE B 16 -15.08 7.74 -15.28
C PHE B 16 -16.05 6.71 -14.62
N THR B 17 -16.52 7.08 -13.42
CA THR B 17 -17.84 6.67 -12.93
C THR B 17 -18.96 7.53 -13.63
N LYS B 18 -18.69 7.92 -14.88
CA LYS B 18 -19.71 8.38 -15.84
C LYS B 18 -20.40 7.12 -16.39
N LEU B 19 -20.84 7.14 -17.66
CA LEU B 19 -21.49 5.95 -18.26
C LEU B 19 -20.51 4.76 -18.51
N ALA B 20 -19.82 4.37 -17.43
CA ALA B 20 -19.25 3.03 -17.25
C ALA B 20 -20.41 2.10 -16.84
N ALA B 21 -21.36 2.68 -16.09
CA ALA B 21 -22.57 2.05 -15.55
C ALA B 21 -23.34 1.09 -16.48
N ASP B 22 -24.02 1.60 -17.52
CA ASP B 22 -24.90 0.79 -18.41
C ASP B 22 -24.31 -0.61 -18.66
N PRO B 23 -25.05 -1.68 -18.28
CA PRO B 23 -24.57 -3.08 -18.45
C PRO B 23 -24.53 -3.54 -19.92
N SER B 24 -25.35 -2.90 -20.74
CA SER B 24 -25.49 -3.20 -22.15
C SER B 24 -24.19 -2.97 -22.97
N VAL B 25 -23.41 -1.95 -22.60
CA VAL B 25 -22.24 -1.48 -23.41
C VAL B 25 -20.97 -2.32 -23.28
N VAL B 26 -20.19 -2.39 -24.36
CA VAL B 26 -18.89 -3.08 -24.38
C VAL B 26 -17.83 -2.07 -23.92
N ASN B 27 -17.12 -2.40 -22.83
CA ASN B 27 -16.11 -1.46 -22.25
C ASN B 27 -14.75 -1.82 -22.78
N LEU B 28 -14.23 -0.89 -23.59
CA LEU B 28 -12.86 -0.89 -24.07
C LEU B 28 -12.11 0.31 -23.48
N GLY B 29 -12.58 0.73 -22.31
CA GLY B 29 -12.11 1.92 -21.58
C GLY B 29 -10.87 1.64 -20.77
N GLN B 30 -11.09 1.25 -19.51
CA GLN B 30 -10.05 0.90 -18.52
C GLN B 30 -9.18 -0.29 -18.94
N GLY B 31 -7.97 -0.33 -18.39
CA GLY B 31 -7.00 -1.39 -18.61
C GLY B 31 -7.29 -2.55 -17.68
N PHE B 32 -8.51 -3.06 -17.83
CA PHE B 32 -9.07 -4.13 -17.05
C PHE B 32 -9.12 -5.30 -18.04
N PRO B 33 -8.18 -6.25 -17.94
CA PRO B 33 -8.22 -7.46 -18.78
C PRO B 33 -9.34 -8.42 -18.39
N ASP B 34 -9.99 -9.05 -19.38
CA ASP B 34 -10.98 -10.12 -19.09
C ASP B 34 -10.57 -11.49 -19.64
N ILE B 35 -9.35 -11.54 -20.16
CA ILE B 35 -8.68 -12.82 -20.34
C ILE B 35 -8.49 -13.51 -18.98
N SER B 36 -8.29 -14.82 -18.97
CA SER B 36 -8.02 -15.51 -17.73
C SER B 36 -6.58 -15.29 -17.44
N PRO B 37 -6.23 -15.16 -16.16
CA PRO B 37 -4.83 -15.25 -15.77
C PRO B 37 -4.29 -16.65 -16.10
N PRO B 38 -2.95 -16.80 -16.28
CA PRO B 38 -2.45 -18.15 -16.54
C PRO B 38 -2.80 -19.01 -15.36
N SER B 39 -3.32 -20.20 -15.64
CA SER B 39 -3.99 -21.03 -14.63
C SER B 39 -3.12 -21.35 -13.40
N TYR B 40 -1.79 -21.43 -13.60
CA TYR B 40 -0.87 -21.67 -12.50
C TYR B 40 -0.70 -20.51 -11.54
N VAL B 41 -0.92 -19.30 -12.01
CA VAL B 41 -0.96 -18.10 -11.14
C VAL B 41 -2.11 -18.22 -10.13
N LYS B 42 -3.24 -18.75 -10.57
CA LYS B 42 -4.39 -18.90 -9.70
C LYS B 42 -4.19 -20.04 -8.70
N GLU B 43 -3.61 -21.15 -9.19
CA GLU B 43 -3.30 -22.31 -8.36
C GLU B 43 -2.37 -21.92 -7.19
N GLU B 44 -1.31 -21.18 -7.50
CA GLU B 44 -0.33 -20.85 -6.48
C GLU B 44 -0.87 -19.96 -5.36
N LEU B 45 -1.82 -19.07 -5.68
CA LEU B 45 -2.53 -18.29 -4.65
C LEU B 45 -3.28 -19.24 -3.73
N SER B 46 -4.13 -20.10 -4.31
CA SER B 46 -4.80 -21.18 -3.60
C SER B 46 -3.87 -22.01 -2.71
N LYS B 47 -2.83 -22.60 -3.30
CA LYS B 47 -1.79 -23.30 -2.53
C LYS B 47 -1.23 -22.44 -1.38
N ALA B 48 -0.93 -21.16 -1.63
CA ALA B 48 -0.37 -20.25 -0.62
C ALA B 48 -1.34 -20.02 0.54
N ALA B 49 -2.61 -19.74 0.19
CA ALA B 49 -3.73 -19.58 1.12
C ALA B 49 -3.80 -20.68 2.17
N PHE B 50 -3.56 -21.94 1.79
CA PHE B 50 -3.66 -23.01 2.78
C PHE B 50 -2.46 -23.17 3.69
N ILE B 51 -1.33 -22.52 3.39
CA ILE B 51 -0.15 -22.54 4.30
C ILE B 51 -0.28 -21.45 5.36
N ASP B 52 -0.42 -21.85 6.62
CA ASP B 52 -0.58 -20.92 7.74
C ASP B 52 0.37 -19.70 7.78
N ASN B 53 1.69 -19.92 7.74
CA ASN B 53 2.69 -18.80 7.71
C ASN B 53 2.57 -17.88 6.52
N MET B 54 2.02 -18.39 5.42
CA MET B 54 1.85 -17.57 4.25
C MET B 54 0.66 -16.64 4.38
N ASN B 55 0.07 -16.62 5.57
CA ASN B 55 -1.02 -15.72 5.90
C ASN B 55 -0.64 -14.73 7.00
N GLN B 56 0.64 -14.76 7.39
CA GLN B 56 1.16 -13.89 8.45
C GLN B 56 2.24 -13.03 7.84
N TYR B 57 2.76 -12.08 8.60
CA TYR B 57 3.73 -11.08 8.13
C TYR B 57 4.95 -11.67 7.45
N THR B 58 5.43 -11.02 6.40
CA THR B 58 6.68 -11.43 5.74
C THR B 58 7.70 -10.28 5.81
N ARG B 59 8.92 -10.51 5.34
CA ARG B 59 9.92 -9.44 5.21
C ARG B 59 9.26 -8.17 4.61
N GLY B 60 9.47 -7.05 5.31
CA GLY B 60 8.91 -5.74 4.96
C GLY B 60 9.25 -5.23 3.57
N PHE B 61 10.46 -5.47 3.07
CA PHE B 61 10.78 -4.87 1.75
C PHE B 61 10.54 -5.81 0.57
N GLY B 62 10.05 -7.01 0.90
CA GLY B 62 9.67 -8.01 -0.09
C GLY B 62 9.88 -9.40 0.45
N HIS B 63 8.87 -10.24 0.25
CA HIS B 63 8.92 -11.63 0.57
C HIS B 63 10.25 -12.18 0.08
N PRO B 64 11.00 -12.93 0.94
CA PRO B 64 12.31 -13.42 0.51
C PRO B 64 12.28 -14.22 -0.79
N ALA B 65 11.39 -15.20 -0.94
CA ALA B 65 11.28 -15.94 -2.22
C ALA B 65 11.07 -15.06 -3.47
N LEU B 66 10.26 -14.01 -3.32
CA LEU B 66 9.90 -13.13 -4.43
C LEU B 66 11.03 -12.19 -4.87
N VAL B 67 11.76 -11.65 -3.91
CA VAL B 67 12.92 -10.84 -4.22
C VAL B 67 14.07 -11.67 -4.82
N LYS B 68 14.28 -12.87 -4.26
CA LYS B 68 15.20 -13.84 -4.83
C LYS B 68 14.86 -14.10 -6.32
N ALA B 69 13.58 -14.35 -6.63
CA ALA B 69 13.18 -14.63 -7.99
C ALA B 69 13.35 -13.39 -8.91
N LEU B 70 12.89 -12.23 -8.46
CA LEU B 70 13.10 -10.96 -9.17
C LEU B 70 14.59 -10.74 -9.44
N SER B 71 15.40 -10.96 -8.42
CA SER B 71 16.84 -10.90 -8.55
C SER B 71 17.35 -11.72 -9.74
N CYS B 72 16.82 -12.92 -9.85
CA CYS B 72 17.27 -13.86 -10.86
C CYS B 72 16.81 -13.50 -12.26
N LEU B 73 15.51 -13.24 -12.44
CA LEU B 73 14.99 -12.75 -13.71
C LEU B 73 15.71 -11.49 -14.18
N TYR B 74 15.72 -10.45 -13.34
CA TYR B 74 16.26 -9.17 -13.77
C TYR B 74 17.79 -9.12 -13.95
N GLY B 75 18.55 -9.78 -13.08
CA GLY B 75 19.98 -9.98 -13.29
C GLY B 75 20.37 -10.63 -14.62
N LYS B 76 19.50 -11.51 -15.13
CA LYS B 76 19.61 -12.04 -16.50
C LYS B 76 19.41 -10.89 -17.52
N ILE B 77 18.31 -10.15 -17.38
CA ILE B 77 18.04 -8.96 -18.18
C ILE B 77 19.16 -7.90 -18.10
N TYR B 78 19.58 -7.52 -16.89
CA TYR B 78 20.54 -6.41 -16.74
C TYR B 78 21.98 -6.81 -17.06
N GLN B 79 22.19 -8.11 -17.29
CA GLN B 79 23.53 -8.71 -17.29
C GLN B 79 24.37 -8.31 -16.05
N ARG B 80 23.78 -8.36 -14.86
CA ARG B 80 24.49 -8.00 -13.64
C ARG B 80 23.85 -8.72 -12.46
N GLN B 81 24.60 -8.78 -11.37
CA GLN B 81 24.11 -9.39 -10.13
C GLN B 81 23.38 -8.36 -9.27
N ILE B 82 22.12 -8.63 -9.02
CA ILE B 82 21.28 -7.67 -8.33
C ILE B 82 20.99 -8.17 -6.92
N ASP B 83 21.34 -7.37 -5.94
CA ASP B 83 21.13 -7.73 -4.56
C ASP B 83 19.63 -7.76 -4.22
N PRO B 84 19.11 -8.91 -3.77
CA PRO B 84 17.64 -9.00 -3.57
C PRO B 84 17.09 -8.16 -2.42
N ASN B 85 17.94 -7.91 -1.42
CA ASN B 85 17.51 -7.13 -0.26
C ASN B 85 17.84 -5.66 -0.38
N GLU B 86 18.97 -5.32 -1.03
CA GLU B 86 19.42 -3.92 -1.08
C GLU B 86 19.02 -3.15 -2.37
N GLU B 87 18.68 -3.86 -3.42
CA GLU B 87 18.53 -3.25 -4.74
C GLU B 87 17.13 -3.44 -5.34
N ILE B 88 16.25 -4.10 -4.59
CA ILE B 88 14.84 -4.30 -4.95
C ILE B 88 13.99 -3.81 -3.78
N LEU B 89 12.79 -3.34 -4.12
CA LEU B 89 11.75 -3.03 -3.14
C LEU B 89 10.38 -3.31 -3.75
N VAL B 90 9.72 -4.28 -3.15
CA VAL B 90 8.35 -4.61 -3.49
C VAL B 90 7.41 -3.62 -2.80
N ALA B 91 6.47 -3.11 -3.59
CA ALA B 91 5.52 -2.07 -3.18
C ALA B 91 4.14 -2.42 -3.68
N VAL B 92 3.12 -1.73 -3.18
CA VAL B 92 1.73 -2.00 -3.57
C VAL B 92 1.52 -1.42 -4.95
N GLY B 93 1.67 -2.33 -5.92
CA GLY B 93 1.66 -1.99 -7.35
C GLY B 93 2.78 -1.07 -7.79
N ALA B 94 2.83 -0.83 -9.10
CA ALA B 94 3.69 0.21 -9.69
C ALA B 94 3.35 1.58 -9.15
N TYR B 95 2.06 1.89 -9.02
CA TYR B 95 1.59 3.08 -8.31
C TYR B 95 2.40 3.28 -7.02
N GLY B 96 2.39 2.26 -6.17
CA GLY B 96 3.12 2.27 -4.90
C GLY B 96 4.61 2.51 -5.09
N SER B 97 5.22 1.86 -6.08
CA SER B 97 6.64 2.10 -6.39
C SER B 97 6.93 3.55 -6.81
N LEU B 98 6.06 4.11 -7.66
CA LEU B 98 6.20 5.50 -8.13
C LEU B 98 6.19 6.49 -6.97
N PHE B 99 5.12 6.42 -6.16
CA PHE B 99 4.99 7.15 -4.91
C PHE B 99 6.22 6.96 -4.01
N ASN B 100 6.70 5.72 -3.83
CA ASN B 100 7.96 5.48 -3.08
C ASN B 100 9.16 6.24 -3.64
N SER B 101 9.26 6.29 -4.97
CA SER B 101 10.34 7.04 -5.59
C SER B 101 10.21 8.54 -5.39
N ILE B 102 9.03 9.10 -5.66
CA ILE B 102 8.88 10.56 -5.58
C ILE B 102 9.08 11.03 -4.14
N GLN B 103 8.26 10.54 -3.22
CA GLN B 103 8.35 10.87 -1.80
C GLN B 103 9.77 10.73 -1.24
N GLY B 104 10.49 9.68 -1.64
CA GLY B 104 11.81 9.40 -1.10
C GLY B 104 12.94 10.23 -1.68
N LEU B 105 12.77 10.71 -2.91
CA LEU B 105 13.86 11.38 -3.63
C LEU B 105 13.68 12.86 -4.05
N VAL B 106 12.49 13.41 -3.87
CA VAL B 106 12.15 14.70 -4.45
C VAL B 106 11.62 15.61 -3.37
N ASP B 107 12.23 16.81 -3.31
CA ASP B 107 11.93 17.90 -2.34
C ASP B 107 10.96 18.93 -2.93
N PRO B 108 10.34 19.78 -2.06
CA PRO B 108 9.69 21.02 -2.50
C PRO B 108 10.64 21.90 -3.32
N GLY B 109 10.16 22.33 -4.48
CA GLY B 109 10.90 23.22 -5.32
C GLY B 109 11.71 22.57 -6.41
N ASP B 110 11.95 21.26 -6.33
CA ASP B 110 12.56 20.54 -7.43
C ASP B 110 11.65 20.63 -8.65
N GLU B 111 12.27 20.51 -9.81
CA GLU B 111 11.55 20.29 -11.02
C GLU B 111 11.64 18.77 -11.38
N VAL B 112 10.51 18.17 -11.76
CA VAL B 112 10.49 16.84 -12.38
C VAL B 112 9.94 16.92 -13.81
N ILE B 113 10.74 16.47 -14.76
CA ILE B 113 10.32 16.47 -16.16
C ILE B 113 9.43 15.26 -16.53
N ILE B 114 8.28 15.54 -17.16
CA ILE B 114 7.29 14.53 -17.53
C ILE B 114 6.97 14.72 -19.02
N MET B 115 6.93 13.62 -19.78
CA MET B 115 6.51 13.65 -21.18
C MET B 115 5.00 13.50 -21.40
N VAL B 116 4.44 14.38 -22.24
CA VAL B 116 3.01 14.34 -22.50
C VAL B 116 2.70 13.66 -23.84
N PRO B 117 1.61 12.88 -23.94
CA PRO B 117 0.73 12.51 -22.79
C PRO B 117 1.45 11.70 -21.75
N PHE B 118 1.00 11.77 -20.51
CA PHE B 118 1.60 11.00 -19.44
C PHE B 118 0.55 10.22 -18.74
N TYR B 119 0.92 9.04 -18.25
CA TYR B 119 0.10 8.40 -17.25
C TYR B 119 -0.15 9.42 -16.13
N ASP B 120 -1.42 9.53 -15.77
CA ASP B 120 -1.96 10.71 -15.11
C ASP B 120 -1.52 10.87 -13.67
N CYS B 121 -1.06 9.79 -13.04
CA CYS B 121 -0.68 9.89 -11.65
C CYS B 121 0.68 10.58 -11.49
N TYR B 122 1.42 10.73 -12.60
CA TYR B 122 2.75 11.34 -12.52
C TYR B 122 2.59 12.76 -12.02
N GLU B 123 1.67 13.51 -12.62
CA GLU B 123 1.47 14.92 -12.25
C GLU B 123 1.15 15.16 -10.76
N PRO B 124 0.08 14.54 -10.23
CA PRO B 124 -0.21 14.88 -8.82
C PRO B 124 0.79 14.29 -7.81
N MET B 125 1.35 13.10 -8.05
CA MET B 125 2.47 12.64 -7.25
C MET B 125 3.52 13.73 -7.15
N VAL B 126 4.05 14.20 -8.30
CA VAL B 126 5.11 15.24 -8.22
C VAL B 126 4.64 16.50 -7.52
N ARG B 127 3.40 16.89 -7.79
CA ARG B 127 2.75 17.99 -7.08
C ARG B 127 2.67 17.77 -5.57
N MET B 128 2.29 16.59 -5.12
CA MET B 128 2.14 16.34 -3.69
C MET B 128 3.44 16.51 -2.90
N ALA B 129 4.58 16.25 -3.54
CA ALA B 129 5.90 16.43 -2.95
C ALA B 129 6.40 17.86 -3.10
N GLY B 130 5.54 18.72 -3.64
CA GLY B 130 5.79 20.14 -3.71
C GLY B 130 6.79 20.50 -4.79
N ALA B 131 6.94 19.60 -5.76
CA ALA B 131 7.85 19.81 -6.87
C ALA B 131 7.06 20.42 -8.02
N VAL B 132 7.78 20.94 -9.01
CA VAL B 132 7.09 21.51 -10.13
C VAL B 132 7.29 20.60 -11.30
N PRO B 133 6.19 20.09 -11.85
CA PRO B 133 6.19 19.34 -13.10
C PRO B 133 6.63 20.23 -14.24
N VAL B 134 7.49 19.64 -15.07
CA VAL B 134 7.94 20.32 -16.28
C VAL B 134 7.64 19.46 -17.55
N PHE B 135 6.75 19.99 -18.37
CA PHE B 135 6.14 19.26 -19.47
C PHE B 135 6.88 19.41 -20.78
N ILE B 136 7.00 18.33 -21.52
CA ILE B 136 7.50 18.37 -22.87
C ILE B 136 6.60 17.43 -23.65
N PRO B 137 6.05 17.90 -24.80
CA PRO B 137 5.19 17.01 -25.58
C PRO B 137 5.96 16.03 -26.46
N LEU B 138 5.38 14.86 -26.66
CA LEU B 138 5.70 14.07 -27.82
C LEU B 138 5.05 14.67 -29.12
N ARG B 139 5.79 14.59 -30.23
CA ARG B 139 5.40 15.19 -31.51
C ARG B 139 5.43 14.18 -32.62
N SER B 140 4.54 14.33 -33.63
CA SER B 140 4.55 13.46 -34.83
C SER B 140 5.66 13.86 -35.78
N LYS B 141 6.18 12.83 -36.44
CA LYS B 141 7.03 12.98 -37.60
C LYS B 141 6.20 12.51 -38.75
N PRO B 142 6.59 12.92 -39.98
CA PRO B 142 6.03 12.30 -41.17
C PRO B 142 6.07 10.78 -41.07
N THR B 143 4.97 10.14 -41.44
CA THR B 143 4.86 8.68 -41.45
C THR B 143 5.67 8.08 -42.63
N ASP B 144 5.71 6.76 -42.72
CA ASP B 144 6.22 6.10 -43.92
C ASP B 144 5.23 6.17 -45.12
N GLY B 145 4.04 6.74 -44.92
CA GLY B 145 3.09 6.87 -46.02
C GLY B 145 2.02 5.83 -45.91
N MET B 146 2.41 4.57 -45.67
CA MET B 146 1.53 3.38 -45.54
C MET B 146 0.54 3.36 -44.35
N LYS B 147 1.06 3.48 -43.12
CA LYS B 147 0.28 3.34 -41.86
C LYS B 147 0.72 4.34 -40.77
N TRP B 148 -0.08 4.50 -39.72
CA TRP B 148 0.30 5.35 -38.61
C TRP B 148 0.76 4.50 -37.41
N THR B 149 1.94 4.77 -36.88
CA THR B 149 2.43 3.98 -35.75
C THR B 149 3.04 4.81 -34.62
N SER B 150 3.13 4.22 -33.41
CA SER B 150 3.79 4.81 -32.22
C SER B 150 5.19 5.31 -32.49
N SER B 151 5.90 4.60 -33.38
CA SER B 151 7.27 4.99 -33.77
C SER B 151 7.31 6.31 -34.56
N ASP B 152 6.14 6.81 -34.95
CA ASP B 152 6.05 8.06 -35.66
C ASP B 152 5.85 9.20 -34.73
N TRP B 153 5.97 8.89 -33.44
CA TRP B 153 5.99 9.88 -32.39
C TRP B 153 7.38 9.91 -31.76
N THR B 154 7.79 11.08 -31.30
CA THR B 154 9.10 11.23 -30.66
C THR B 154 9.25 12.63 -30.04
N PHE B 155 10.46 12.99 -29.62
CA PHE B 155 10.67 14.26 -28.99
C PHE B 155 11.86 15.00 -29.60
N ASP B 156 11.87 16.33 -29.44
CA ASP B 156 12.95 17.16 -29.95
C ASP B 156 14.07 17.16 -28.88
N PRO B 157 15.27 16.58 -29.20
CA PRO B 157 16.41 16.60 -28.25
C PRO B 157 16.74 17.99 -27.71
N ARG B 158 16.76 18.99 -28.59
CA ARG B 158 17.07 20.37 -28.18
C ARG B 158 15.98 20.95 -27.29
N GLU B 159 14.73 20.56 -27.55
CA GLU B 159 13.62 20.91 -26.67
C GLU B 159 13.78 20.26 -25.26
N LEU B 160 14.19 19.00 -25.24
CA LEU B 160 14.43 18.30 -24.00
C LEU B 160 15.57 18.92 -23.21
N GLU B 161 16.72 19.10 -23.86
CA GLU B 161 17.84 19.80 -23.25
C GLU B 161 17.36 21.06 -22.55
N SER B 162 16.43 21.77 -23.17
CA SER B 162 16.05 23.08 -22.64
C SER B 162 15.26 23.01 -21.37
N LYS B 163 14.77 21.82 -21.01
CA LYS B 163 13.95 21.64 -19.81
C LYS B 163 14.84 21.30 -18.66
N PHE B 164 16.05 20.89 -18.99
CA PHE B 164 17.04 20.58 -17.98
C PHE B 164 17.69 21.86 -17.47
N SER B 165 17.60 22.05 -16.15
CA SER B 165 18.33 23.10 -15.47
C SER B 165 18.78 22.58 -14.10
N SER B 166 19.22 23.52 -13.26
CA SER B 166 19.83 23.18 -12.00
C SER B 166 18.76 22.87 -10.97
N LYS B 167 17.52 23.03 -11.36
CA LYS B 167 16.40 22.70 -10.50
C LYS B 167 15.85 21.32 -10.85
N THR B 168 16.36 20.72 -11.90
CA THR B 168 15.84 19.41 -12.27
C THR B 168 16.43 18.34 -11.36
N LYS B 169 15.52 17.66 -10.69
CA LYS B 169 15.84 16.52 -9.86
C LYS B 169 15.71 15.20 -10.64
N ALA B 170 14.62 15.05 -11.40
CA ALA B 170 14.43 13.84 -12.16
C ALA B 170 13.62 13.99 -13.46
N ILE B 171 13.67 12.97 -14.31
CA ILE B 171 12.76 12.84 -15.45
C ILE B 171 12.03 11.51 -15.26
N ILE B 172 10.72 11.52 -15.54
CA ILE B 172 9.89 10.30 -15.54
C ILE B 172 9.77 9.81 -16.99
N LEU B 173 10.15 8.56 -17.20
CA LEU B 173 10.06 7.89 -18.48
C LEU B 173 9.09 6.72 -18.35
N ASN B 174 8.25 6.54 -19.35
CA ASN B 174 7.37 5.39 -19.36
C ASN B 174 7.47 4.66 -20.73
N THR B 175 8.27 3.59 -20.80
CA THR B 175 8.32 2.73 -21.98
C THR B 175 8.19 1.26 -21.57
N PRO B 176 7.26 0.50 -22.17
CA PRO B 176 6.36 0.94 -23.26
C PRO B 176 5.34 1.91 -22.73
N HIS B 177 4.85 2.75 -23.64
CA HIS B 177 4.16 3.97 -23.26
C HIS B 177 2.65 3.82 -23.19
N ASN B 178 2.12 4.52 -22.19
CA ASN B 178 0.71 4.55 -21.96
C ASN B 178 0.38 6.05 -21.93
N PRO B 179 -0.41 6.56 -22.86
CA PRO B 179 -1.32 5.82 -23.75
C PRO B 179 -0.94 5.50 -25.22
N LEU B 180 0.23 5.89 -25.73
CA LEU B 180 0.41 5.63 -27.19
C LEU B 180 1.00 4.32 -27.63
N GLY B 181 1.62 3.58 -26.70
CA GLY B 181 2.15 2.26 -27.01
C GLY B 181 3.51 2.36 -27.68
N LYS B 182 4.17 3.50 -27.44
CA LYS B 182 5.47 3.79 -27.98
C LYS B 182 6.51 2.96 -27.24
N VAL B 183 7.35 2.25 -28.00
CA VAL B 183 8.54 1.60 -27.45
C VAL B 183 9.76 2.51 -27.76
N TYR B 184 10.25 3.24 -26.75
CA TYR B 184 11.45 4.11 -26.88
C TYR B 184 12.73 3.41 -27.41
N THR B 185 13.42 4.08 -28.34
CA THR B 185 14.54 3.49 -29.06
C THR B 185 15.81 3.71 -28.29
N ARG B 186 16.84 2.93 -28.61
CA ARG B 186 18.13 3.10 -27.97
C ARG B 186 18.64 4.54 -28.12
N GLN B 187 18.34 5.17 -29.26
CA GLN B 187 18.83 6.53 -29.59
C GLN B 187 18.15 7.57 -28.74
N GLU B 188 16.83 7.43 -28.62
CA GLU B 188 16.01 8.26 -27.75
C GLU B 188 16.46 8.12 -26.30
N LEU B 189 16.56 6.88 -25.80
CA LEU B 189 17.04 6.63 -24.42
C LEU B 189 18.43 7.16 -24.17
N GLN B 190 19.25 7.09 -25.20
CA GLN B 190 20.58 7.70 -25.17
C GLN B 190 20.55 9.24 -24.98
N VAL B 191 19.54 9.95 -25.53
CA VAL B 191 19.46 11.42 -25.34
C VAL B 191 19.20 11.73 -23.87
N ILE B 192 18.22 11.02 -23.30
CA ILE B 192 17.77 11.17 -21.89
C ILE B 192 18.93 10.86 -20.91
N ALA B 193 19.65 9.76 -21.21
CA ALA B 193 20.83 9.35 -20.44
C ALA B 193 21.86 10.47 -20.43
N ASP B 194 22.16 11.01 -21.62
CA ASP B 194 23.15 12.06 -21.76
C ASP B 194 22.88 13.25 -20.87
N LEU B 195 21.68 13.80 -21.01
CA LEU B 195 21.18 14.87 -20.18
C LEU B 195 21.17 14.53 -18.66
N CYS B 196 20.74 13.32 -18.30
CA CYS B 196 20.79 12.91 -16.88
C CYS B 196 22.19 12.89 -16.32
N VAL B 197 23.15 12.33 -17.06
CA VAL B 197 24.55 12.40 -16.60
C VAL B 197 25.05 13.85 -16.53
N LYS B 198 25.01 14.54 -17.69
CA LYS B 198 25.42 15.94 -17.79
C LYS B 198 24.82 16.85 -16.70
N HIS B 199 23.59 16.60 -16.26
CA HIS B 199 22.97 17.46 -15.23
C HIS B 199 22.90 16.85 -13.85
N ASP B 200 23.24 15.56 -13.75
CA ASP B 200 23.25 14.80 -12.50
C ASP B 200 21.84 14.78 -11.88
N THR B 201 20.98 14.02 -12.55
CA THR B 201 19.58 13.96 -12.20
C THR B 201 19.17 12.51 -12.24
N LEU B 202 18.03 12.21 -11.64
CA LEU B 202 17.55 10.83 -11.59
C LEU B 202 16.67 10.58 -12.78
N CYS B 203 16.63 9.33 -13.20
CA CYS B 203 15.59 8.88 -14.08
C CYS B 203 14.73 7.83 -13.34
N ILE B 204 13.43 8.02 -13.40
CA ILE B 204 12.50 7.01 -12.90
C ILE B 204 11.83 6.36 -14.11
N SER B 205 11.97 5.05 -14.24
CA SER B 205 11.59 4.42 -15.47
C SER B 205 10.45 3.45 -15.25
N ASP B 206 9.26 3.89 -15.65
CA ASP B 206 8.04 3.11 -15.61
C ASP B 206 7.95 2.07 -16.74
N GLU B 207 8.45 0.88 -16.42
CA GLU B 207 8.57 -0.18 -17.38
C GLU B 207 7.57 -1.33 -17.19
N VAL B 208 6.40 -1.03 -16.61
CA VAL B 208 5.38 -2.07 -16.41
C VAL B 208 5.02 -2.86 -17.66
N TYR B 209 5.04 -2.26 -18.84
CA TYR B 209 4.60 -3.02 -20.00
C TYR B 209 5.75 -3.68 -20.73
N GLU B 210 6.85 -3.94 -20.02
CA GLU B 210 8.11 -4.39 -20.64
C GLU B 210 8.04 -5.65 -21.50
N TRP B 211 7.16 -6.59 -21.16
CA TRP B 211 7.03 -7.83 -21.95
C TRP B 211 6.11 -7.62 -23.13
N LEU B 212 5.40 -6.50 -23.15
CA LEU B 212 4.40 -6.30 -24.18
C LEU B 212 4.98 -5.50 -25.32
N VAL B 213 5.96 -6.12 -25.97
CA VAL B 213 6.65 -5.55 -27.11
C VAL B 213 6.33 -6.41 -28.35
N TYR B 214 5.96 -5.73 -29.42
CA TYR B 214 5.56 -6.41 -30.63
C TYR B 214 6.64 -6.37 -31.67
N THR B 215 6.50 -7.35 -32.57
CA THR B 215 7.30 -7.60 -33.77
C THR B 215 8.05 -6.39 -34.38
N GLY B 216 9.36 -6.54 -34.58
CA GLY B 216 10.23 -5.43 -35.02
C GLY B 216 10.46 -4.26 -34.05
N HIS B 217 10.38 -4.54 -32.75
CA HIS B 217 10.76 -3.59 -31.66
C HIS B 217 11.31 -4.34 -30.45
N THR B 218 12.11 -3.66 -29.64
CA THR B 218 12.79 -4.28 -28.48
C THR B 218 12.70 -3.37 -27.28
N HIS B 219 12.18 -3.91 -26.18
CA HIS B 219 12.39 -3.25 -24.89
C HIS B 219 13.88 -3.16 -24.54
N VAL B 220 14.36 -1.93 -24.34
CA VAL B 220 15.65 -1.65 -23.72
C VAL B 220 15.46 -0.73 -22.50
N LYS B 221 16.16 -1.11 -21.45
CA LYS B 221 16.10 -0.42 -20.22
C LYS B 221 17.19 0.66 -20.18
N ILE B 222 16.76 1.91 -20.03
CA ILE B 222 17.72 3.00 -19.76
C ILE B 222 18.75 2.68 -18.69
N ALA B 223 18.34 2.01 -17.60
CA ALA B 223 19.24 1.67 -16.45
C ALA B 223 20.51 0.91 -16.89
N THR B 224 20.49 0.31 -18.10
CA THR B 224 21.65 -0.42 -18.63
C THR B 224 22.56 0.40 -19.53
N LEU B 225 22.14 1.60 -19.92
CA LEU B 225 22.99 2.52 -20.68
C LEU B 225 24.17 2.99 -19.80
N PRO B 226 25.38 3.20 -20.38
CA PRO B 226 26.50 3.67 -19.52
C PRO B 226 26.11 4.86 -18.62
N GLY B 227 26.50 4.77 -17.35
CA GLY B 227 26.28 5.83 -16.36
C GLY B 227 24.90 5.90 -15.72
N MET B 228 23.97 5.07 -16.18
CA MET B 228 22.58 5.13 -15.76
C MET B 228 22.19 4.30 -14.52
N TRP B 229 22.82 3.13 -14.34
CA TRP B 229 22.55 2.25 -13.21
C TRP B 229 22.37 2.97 -11.85
N GLU B 230 23.27 3.91 -11.59
CA GLU B 230 23.45 4.58 -10.30
C GLU B 230 22.61 5.85 -10.15
N ARG B 231 21.69 6.07 -11.10
CA ARG B 231 20.78 7.21 -11.12
C ARG B 231 19.40 6.85 -11.62
N THR B 232 19.11 5.55 -11.71
CA THR B 232 17.84 5.08 -12.29
C THR B 232 17.09 4.15 -11.37
N ILE B 233 15.81 4.44 -11.22
CA ILE B 233 14.87 3.50 -10.60
C ILE B 233 14.00 2.96 -11.71
N THR B 234 13.93 1.65 -11.79
CA THR B 234 13.20 0.99 -12.85
C THR B 234 12.06 0.25 -12.17
N ILE B 235 10.85 0.52 -12.64
CA ILE B 235 9.65 -0.03 -11.99
C ILE B 235 9.01 -1.19 -12.77
N GLY B 236 8.58 -2.22 -12.05
CA GLY B 236 7.81 -3.30 -12.67
C GLY B 236 6.49 -3.58 -11.98
N SER B 237 5.64 -4.38 -12.61
CA SER B 237 4.41 -4.84 -11.95
C SER B 237 3.97 -6.28 -12.23
N ALA B 238 3.41 -6.89 -11.19
CA ALA B 238 2.72 -8.19 -11.26
C ALA B 238 1.46 -8.14 -12.12
N GLY B 239 0.69 -7.08 -11.99
CA GLY B 239 -0.57 -6.91 -12.75
C GLY B 239 -0.38 -6.95 -14.24
N LYS B 240 0.77 -6.52 -14.72
CA LYS B 240 1.03 -6.52 -16.14
C LYS B 240 1.68 -7.79 -16.55
N THR B 241 2.64 -8.24 -15.74
CA THR B 241 3.40 -9.43 -16.08
C THR B 241 2.56 -10.69 -16.10
N PHE B 242 1.58 -10.75 -15.23
CA PHE B 242 0.77 -11.96 -15.09
C PHE B 242 -0.74 -11.76 -15.26
N SER B 243 -1.13 -10.62 -15.81
CA SER B 243 -2.53 -10.31 -16.21
C SER B 243 -3.44 -10.47 -15.03
N VAL B 244 -2.94 -9.92 -13.92
CA VAL B 244 -3.53 -10.15 -12.63
C VAL B 244 -3.51 -8.78 -11.90
N THR B 245 -4.22 -7.80 -12.48
CA THR B 245 -4.18 -6.38 -12.08
C THR B 245 -4.66 -6.14 -10.66
N GLY B 246 -5.46 -7.07 -10.14
CA GLY B 246 -5.97 -6.94 -8.79
C GLY B 246 -5.06 -7.36 -7.66
N TRP B 247 -3.88 -7.88 -7.99
CA TRP B 247 -2.89 -8.28 -6.98
C TRP B 247 -2.10 -7.10 -6.42
N LYS B 248 -2.14 -5.95 -7.10
CA LYS B 248 -1.41 -4.77 -6.69
C LYS B 248 -0.02 -5.03 -6.08
N LEU B 249 0.88 -5.55 -6.90
CA LEU B 249 2.27 -5.76 -6.48
C LEU B 249 3.23 -5.34 -7.58
N GLY B 250 4.09 -4.37 -7.24
CA GLY B 250 5.17 -3.94 -8.13
C GLY B 250 6.52 -3.84 -7.44
N TRP B 251 7.54 -3.40 -8.17
CA TRP B 251 8.93 -3.37 -7.63
C TRP B 251 9.72 -2.28 -8.29
N SER B 252 10.73 -1.84 -7.52
CA SER B 252 11.68 -0.82 -7.89
C SER B 252 13.00 -1.52 -7.86
N ILE B 253 13.73 -1.44 -8.97
CA ILE B 253 15.05 -2.01 -9.03
C ILE B 253 16.04 -0.91 -9.32
N GLY B 254 17.05 -0.81 -8.46
CA GLY B 254 18.04 0.22 -8.60
C GLY B 254 19.22 0.12 -7.65
N PRO B 255 20.07 1.14 -7.64
CA PRO B 255 21.26 1.06 -6.78
C PRO B 255 20.92 1.27 -5.29
N ALA B 256 21.73 0.68 -4.41
CA ALA B 256 21.40 0.65 -2.99
C ALA B 256 21.20 2.02 -2.37
N HIS B 257 22.03 3.00 -2.76
CA HIS B 257 21.92 4.36 -2.15
C HIS B 257 20.63 5.06 -2.53
N LEU B 258 19.94 4.54 -3.55
CA LEU B 258 18.63 5.07 -3.91
C LEU B 258 17.52 4.19 -3.39
N ILE B 259 17.67 2.88 -3.54
CA ILE B 259 16.66 2.00 -2.98
C ILE B 259 16.47 2.20 -1.46
N LYS B 260 17.55 2.47 -0.74
CA LYS B 260 17.44 2.64 0.71
C LYS B 260 16.43 3.73 1.05
N HIS B 261 16.39 4.75 0.22
CA HIS B 261 15.50 5.86 0.42
C HIS B 261 14.03 5.52 0.14
N LEU B 262 13.79 4.56 -0.74
CA LEU B 262 12.43 4.17 -1.08
C LEU B 262 11.93 3.32 0.07
N GLN B 263 12.88 2.58 0.64
CA GLN B 263 12.61 1.71 1.77
C GLN B 263 12.19 2.56 2.98
N THR B 264 12.86 3.69 3.17
CA THR B 264 12.49 4.56 4.27
C THR B 264 11.01 4.94 4.10
N VAL B 265 10.63 5.34 2.89
CA VAL B 265 9.26 5.76 2.65
C VAL B 265 8.31 4.62 2.95
N GLN B 266 8.63 3.43 2.42
CA GLN B 266 7.79 2.28 2.66
C GLN B 266 7.59 2.01 4.14
N GLN B 267 8.67 1.77 4.88
CA GLN B 267 8.54 1.47 6.32
C GLN B 267 7.77 2.54 7.10
N ASN B 268 7.72 3.79 6.60
CA ASN B 268 6.96 4.84 7.30
C ASN B 268 5.56 5.08 6.78
N SER B 269 5.09 4.15 5.93
CA SER B 269 3.83 4.27 5.24
C SER B 269 2.99 3.02 5.36
N PHE B 270 3.27 1.99 4.55
CA PHE B 270 2.47 0.74 4.65
C PHE B 270 3.26 -0.46 5.20
N TYR B 271 4.59 -0.31 5.20
CA TYR B 271 5.58 -1.31 5.56
C TYR B 271 5.55 -2.58 4.67
N THR B 272 4.66 -3.50 4.97
CA THR B 272 4.72 -4.83 4.44
C THR B 272 3.62 -4.99 3.42
N CYS B 273 3.90 -5.74 2.35
CA CYS B 273 2.89 -6.14 1.38
C CYS B 273 2.31 -7.50 1.70
N ALA B 274 1.19 -7.84 1.04
CA ALA B 274 0.53 -9.15 1.24
C ALA B 274 1.45 -10.37 1.04
N THR B 275 1.53 -11.22 2.07
CA THR B 275 2.27 -12.49 2.00
C THR B 275 1.70 -13.52 1.00
N PRO B 276 0.40 -13.93 1.11
CA PRO B 276 -0.11 -14.99 0.19
C PRO B 276 0.12 -14.62 -1.27
N LEU B 277 -0.09 -13.35 -1.59
CA LEU B 277 0.11 -12.81 -2.93
C LEU B 277 1.54 -12.92 -3.41
N GLN B 278 2.48 -12.40 -2.62
CA GLN B 278 3.92 -12.48 -2.88
C GLN B 278 4.47 -13.93 -2.99
N ALA B 279 4.07 -14.83 -2.08
CA ALA B 279 4.46 -16.25 -2.13
C ALA B 279 4.13 -16.91 -3.46
N ALA B 280 2.85 -16.73 -3.86
CA ALA B 280 2.29 -17.21 -5.13
C ALA B 280 2.95 -16.60 -6.35
N LEU B 281 3.27 -15.31 -6.29
CA LEU B 281 3.90 -14.58 -7.38
C LEU B 281 5.27 -15.13 -7.67
N ALA B 282 6.02 -15.42 -6.62
CA ALA B 282 7.37 -15.98 -6.69
C ALA B 282 7.35 -17.31 -7.44
N GLU B 283 6.42 -18.16 -7.05
CA GLU B 283 6.18 -19.42 -7.70
C GLU B 283 5.89 -19.27 -9.18
N ALA B 284 4.92 -18.41 -9.49
CA ALA B 284 4.57 -18.06 -10.85
C ALA B 284 5.81 -17.67 -11.65
N PHE B 285 6.64 -16.78 -11.11
CA PHE B 285 7.92 -16.41 -11.75
C PHE B 285 8.82 -17.61 -12.04
N TRP B 286 9.12 -18.44 -11.03
CA TRP B 286 10.01 -19.60 -11.19
C TRP B 286 9.60 -20.53 -12.36
N ILE B 287 8.29 -20.75 -12.45
CA ILE B 287 7.69 -21.52 -13.53
C ILE B 287 8.19 -20.94 -14.85
N ASP B 288 8.04 -19.63 -15.00
CA ASP B 288 8.36 -18.99 -16.28
C ASP B 288 9.84 -18.65 -16.51
N ILE B 289 10.56 -18.35 -15.44
CA ILE B 289 12.00 -18.10 -15.53
C ILE B 289 12.71 -19.34 -16.08
N LYS B 290 12.24 -20.52 -15.65
CA LYS B 290 12.80 -21.83 -16.00
C LYS B 290 12.49 -22.24 -17.47
N ARG B 291 11.64 -21.48 -18.16
CA ARG B 291 11.34 -21.78 -19.57
C ARG B 291 11.31 -20.52 -20.46
N MET B 292 12.41 -19.78 -20.53
CA MET B 292 12.41 -18.46 -21.17
C MET B 292 12.55 -18.57 -22.66
N ASP B 293 13.45 -19.45 -23.07
CA ASP B 293 13.73 -19.75 -24.45
C ASP B 293 12.55 -20.44 -25.19
N ASP B 294 11.46 -20.75 -24.48
CA ASP B 294 10.29 -21.51 -24.98
C ASP B 294 9.03 -20.70 -25.28
N PRO B 295 8.31 -21.04 -26.37
CA PRO B 295 7.11 -20.25 -26.65
C PRO B 295 5.97 -20.37 -25.62
N GLU B 296 6.11 -21.25 -24.62
CA GLU B 296 5.07 -21.44 -23.56
C GLU B 296 5.18 -20.40 -22.43
N CYS B 297 6.42 -20.03 -22.09
CA CYS B 297 6.70 -18.91 -21.24
C CYS B 297 5.72 -17.76 -21.42
N TYR B 298 5.07 -17.37 -20.33
CA TYR B 298 4.06 -16.31 -20.39
C TYR B 298 4.65 -15.00 -20.97
N PHE B 299 5.91 -14.74 -20.64
CA PHE B 299 6.67 -13.65 -21.24
C PHE B 299 6.61 -13.69 -22.78
N ASN B 300 6.75 -14.86 -23.40
CA ASN B 300 6.70 -14.95 -24.87
C ASN B 300 5.31 -15.15 -25.41
N SER B 301 4.48 -15.89 -24.66
CA SER B 301 3.17 -16.24 -25.14
C SER B 301 2.22 -15.05 -25.11
N LEU B 302 2.27 -14.25 -24.05
CA LEU B 302 1.34 -13.16 -23.91
C LEU B 302 1.47 -12.10 -25.02
N PRO B 303 2.68 -11.49 -25.25
CA PRO B 303 2.75 -10.53 -26.41
C PRO B 303 2.34 -11.13 -27.77
N LYS B 304 2.78 -12.35 -28.07
CA LYS B 304 2.36 -13.10 -29.27
C LYS B 304 0.81 -13.17 -29.37
N GLU B 305 0.13 -13.57 -28.28
CA GLU B 305 -1.35 -13.68 -28.18
C GLU B 305 -1.97 -12.28 -28.43
N LEU B 306 -1.39 -11.29 -27.77
CA LEU B 306 -1.87 -9.90 -27.86
C LEU B 306 -1.70 -9.18 -29.22
N GLU B 307 -0.57 -9.38 -29.90
CA GLU B 307 -0.34 -8.85 -31.26
C GLU B 307 -1.47 -9.14 -32.25
N VAL B 308 -2.02 -10.35 -32.20
CA VAL B 308 -3.13 -10.73 -33.06
C VAL B 308 -4.28 -9.76 -32.76
N LYS B 309 -4.62 -9.64 -31.47
CA LYS B 309 -5.68 -8.73 -30.99
C LYS B 309 -5.42 -7.25 -31.36
N ARG B 310 -4.16 -6.80 -31.28
CA ARG B 310 -3.79 -5.46 -31.79
C ARG B 310 -4.22 -5.28 -33.25
N ASP B 311 -3.80 -6.20 -34.14
CA ASP B 311 -4.14 -6.11 -35.55
C ASP B 311 -5.66 -6.13 -35.78
N ARG B 312 -6.37 -7.03 -35.08
CA ARG B 312 -7.85 -7.11 -35.10
C ARG B 312 -8.44 -5.73 -34.91
N MET B 313 -7.89 -5.00 -33.92
CA MET B 313 -8.36 -3.67 -33.55
C MET B 313 -8.10 -2.64 -34.63
N VAL B 314 -6.88 -2.69 -35.19
CA VAL B 314 -6.51 -1.81 -36.28
C VAL B 314 -7.53 -1.92 -37.45
N ARG B 315 -7.75 -3.14 -37.95
CA ARG B 315 -8.81 -3.42 -38.91
C ARG B 315 -10.15 -2.79 -38.50
N LEU B 316 -10.66 -3.16 -37.34
CA LEU B 316 -11.97 -2.69 -36.86
C LEU B 316 -12.08 -1.16 -36.84
N LEU B 317 -10.99 -0.51 -36.47
CA LEU B 317 -10.97 0.94 -36.40
C LEU B 317 -10.94 1.58 -37.80
N ASN B 318 -10.00 1.15 -38.64
CA ASN B 318 -9.97 1.51 -40.08
C ASN B 318 -11.36 1.37 -40.68
N SER B 319 -11.96 0.17 -40.51
CA SER B 319 -13.28 -0.20 -41.06
C SER B 319 -14.49 0.71 -40.74
N VAL B 320 -14.31 1.66 -39.82
CA VAL B 320 -15.33 2.67 -39.55
C VAL B 320 -14.80 4.09 -39.73
N GLY B 321 -13.53 4.20 -40.16
CA GLY B 321 -12.89 5.49 -40.53
C GLY B 321 -12.26 6.31 -39.41
N LEU B 322 -11.97 5.63 -38.29
CA LEU B 322 -11.09 6.09 -37.22
C LEU B 322 -9.66 5.71 -37.59
N LYS B 323 -8.74 6.68 -37.63
CA LYS B 323 -7.36 6.40 -38.03
C LYS B 323 -6.55 5.87 -36.83
N PRO B 324 -6.33 4.54 -36.76
CA PRO B 324 -5.55 3.98 -35.68
C PRO B 324 -4.08 4.34 -35.79
N ILE B 325 -3.48 4.56 -34.62
CA ILE B 325 -2.02 4.65 -34.47
C ILE B 325 -1.61 3.29 -33.96
N VAL B 326 -0.90 2.53 -34.78
CA VAL B 326 -0.61 1.15 -34.38
C VAL B 326 0.55 1.14 -33.38
N PRO B 327 0.30 0.57 -32.16
CA PRO B 327 1.25 0.58 -31.06
C PRO B 327 2.37 -0.48 -31.17
N ASP B 328 3.62 -0.07 -30.94
CA ASP B 328 4.76 -0.99 -30.87
C ASP B 328 4.67 -1.95 -29.66
N GLY B 329 3.87 -1.58 -28.65
CA GLY B 329 3.89 -2.22 -27.35
C GLY B 329 2.69 -1.93 -26.47
N GLY B 330 2.53 -2.74 -25.40
CA GLY B 330 1.44 -2.61 -24.43
C GLY B 330 0.08 -2.87 -25.04
N TYR B 331 -0.98 -2.69 -24.27
CA TYR B 331 -2.28 -3.13 -24.76
C TYR B 331 -3.25 -2.04 -25.04
N PHE B 332 -2.74 -0.84 -25.26
CA PHE B 332 -3.59 0.30 -25.63
C PHE B 332 -3.35 0.76 -27.06
N ILE B 333 -4.43 1.19 -27.72
CA ILE B 333 -4.36 1.77 -29.06
C ILE B 333 -5.12 3.06 -29.11
N ILE B 334 -4.46 4.09 -29.61
CA ILE B 334 -5.09 5.40 -29.89
C ILE B 334 -5.63 5.43 -31.33
N ALA B 335 -6.83 6.01 -31.47
CA ALA B 335 -7.43 6.30 -32.75
C ALA B 335 -7.66 7.78 -32.85
N ASP B 336 -7.25 8.38 -33.99
CA ASP B 336 -7.70 9.73 -34.33
C ASP B 336 -9.13 9.67 -34.77
N VAL B 337 -9.92 10.55 -34.18
CA VAL B 337 -11.35 10.49 -34.19
C VAL B 337 -11.95 11.55 -35.15
N SER B 338 -11.08 12.43 -35.63
CA SER B 338 -11.50 13.74 -36.15
C SER B 338 -12.09 13.78 -37.56
N SER B 339 -11.75 12.82 -38.42
CA SER B 339 -12.47 12.71 -39.69
C SER B 339 -13.53 11.62 -39.58
N LEU B 340 -14.49 11.91 -38.70
CA LEU B 340 -15.82 11.33 -38.71
C LEU B 340 -16.78 12.50 -38.86
N GLY B 341 -18.07 12.20 -39.03
CA GLY B 341 -19.15 13.20 -38.93
C GLY B 341 -19.20 13.67 -37.48
N ALA B 342 -19.97 12.95 -36.66
CA ALA B 342 -20.13 13.20 -35.21
C ALA B 342 -20.69 14.59 -34.88
N ASP B 343 -22.00 14.65 -34.66
CA ASP B 343 -22.80 15.90 -34.59
C ASP B 343 -22.31 16.99 -33.61
N LEU B 344 -22.26 16.64 -32.33
CA LEU B 344 -21.58 17.41 -31.25
C LEU B 344 -21.80 18.93 -31.12
N SER B 345 -23.01 19.27 -30.72
CA SER B 345 -23.35 20.54 -30.09
C SER B 345 -24.53 20.23 -29.15
N ASP B 346 -24.91 18.95 -29.17
CA ASP B 346 -25.84 18.32 -28.21
C ASP B 346 -25.32 18.34 -26.75
N MET B 347 -24.05 18.71 -26.58
CA MET B 347 -23.44 18.90 -25.26
C MET B 347 -23.19 20.39 -24.92
N ASN B 348 -22.38 21.08 -25.73
CA ASN B 348 -22.27 22.56 -25.74
C ASN B 348 -21.44 23.24 -24.63
N SER B 349 -20.93 22.46 -23.68
CA SER B 349 -19.86 22.93 -22.79
C SER B 349 -18.59 22.96 -23.64
N ASP B 350 -17.47 23.38 -23.04
CA ASP B 350 -16.19 23.22 -23.72
C ASP B 350 -15.15 22.57 -22.80
N GLU B 351 -15.63 21.56 -22.08
CA GLU B 351 -14.77 20.43 -21.76
C GLU B 351 -14.33 19.81 -23.12
N PRO B 352 -13.18 19.06 -23.16
CA PRO B 352 -12.48 18.76 -24.45
C PRO B 352 -13.25 17.89 -25.46
N TYR B 353 -12.84 18.00 -26.74
CA TYR B 353 -13.50 17.29 -27.84
C TYR B 353 -13.61 15.76 -27.61
N ASP B 354 -12.52 15.12 -27.17
CA ASP B 354 -12.50 13.66 -26.94
C ASP B 354 -13.40 13.16 -25.80
N TYR B 355 -13.53 13.91 -24.72
CA TYR B 355 -14.52 13.59 -23.68
C TYR B 355 -15.94 13.61 -24.26
N LYS B 356 -16.25 14.67 -25.02
CA LYS B 356 -17.54 14.79 -25.73
C LYS B 356 -17.81 13.58 -26.63
N PHE B 357 -16.86 13.28 -27.52
CA PHE B 357 -16.89 12.06 -28.33
C PHE B 357 -17.12 10.75 -27.59
N VAL B 358 -16.41 10.55 -26.47
CA VAL B 358 -16.54 9.29 -25.72
C VAL B 358 -17.95 9.16 -25.13
N LYS B 359 -18.47 10.27 -24.57
CA LYS B 359 -19.87 10.33 -24.10
C LYS B 359 -20.86 9.99 -25.23
N TRP B 360 -20.75 10.71 -26.35
CA TRP B 360 -21.41 10.36 -27.60
C TRP B 360 -21.29 8.90 -28.08
N MET B 361 -20.08 8.35 -28.17
CA MET B 361 -19.92 6.96 -28.62
C MET B 361 -20.50 5.96 -27.62
N THR B 362 -20.51 6.34 -26.33
CA THR B 362 -21.07 5.49 -25.31
C THR B 362 -22.58 5.42 -25.44
N LYS B 363 -23.23 6.59 -25.50
CA LYS B 363 -24.70 6.65 -25.55
C LYS B 363 -25.19 6.08 -26.87
N HIS B 364 -24.69 6.64 -27.97
CA HIS B 364 -25.14 6.26 -29.32
C HIS B 364 -24.64 4.91 -29.87
N LYS B 365 -23.50 4.39 -29.42
CA LYS B 365 -22.91 3.17 -30.02
C LYS B 365 -22.62 2.09 -28.99
N LYS B 366 -22.84 2.42 -27.73
CA LYS B 366 -22.75 1.44 -26.65
C LYS B 366 -21.33 0.84 -26.56
N LEU B 367 -20.35 1.73 -26.65
CA LEU B 367 -18.91 1.43 -26.59
C LEU B 367 -18.21 2.55 -25.83
N THR B 368 -17.46 2.23 -24.76
CA THR B 368 -16.64 3.28 -24.08
C THR B 368 -15.17 3.15 -24.42
N ALA B 369 -14.50 4.29 -24.31
CA ALA B 369 -13.06 4.41 -24.46
C ALA B 369 -12.56 5.61 -23.62
N ILE B 370 -11.25 5.86 -23.59
CA ILE B 370 -10.69 6.91 -22.77
C ILE B 370 -10.16 8.08 -23.64
N PRO B 371 -10.65 9.30 -23.36
CA PRO B 371 -10.19 10.52 -24.03
C PRO B 371 -8.73 10.75 -23.71
N VAL B 372 -7.91 10.94 -24.74
CA VAL B 372 -6.47 11.15 -24.56
C VAL B 372 -6.12 12.45 -23.81
N SER B 373 -6.99 13.43 -23.89
CA SER B 373 -6.81 14.69 -23.16
C SER B 373 -6.67 14.51 -21.62
N ALA B 374 -7.21 13.41 -21.10
CA ALA B 374 -7.09 13.06 -19.67
C ALA B 374 -5.64 12.94 -19.19
N PHE B 375 -4.77 12.57 -20.14
CA PHE B 375 -3.35 12.32 -19.90
C PHE B 375 -2.46 13.49 -20.28
N CYS B 376 -3.06 14.68 -20.41
CA CYS B 376 -2.35 15.88 -20.84
C CYS B 376 -2.52 16.99 -19.85
N ASP B 377 -1.44 17.77 -19.67
CA ASP B 377 -1.49 19.00 -18.88
C ASP B 377 -2.45 19.90 -19.64
N SER B 378 -2.98 20.91 -18.98
CA SER B 378 -3.99 21.80 -19.61
C SER B 378 -3.48 22.53 -20.91
N LYS B 379 -2.30 23.17 -20.83
CA LYS B 379 -1.59 23.72 -22.02
C LYS B 379 -1.51 22.78 -23.20
N SER B 380 -1.43 21.46 -22.97
CA SER B 380 -1.28 20.44 -24.03
C SER B 380 -2.56 19.83 -24.68
N LYS B 381 -3.72 19.95 -24.02
CA LYS B 381 -4.90 19.20 -24.43
C LYS B 381 -5.39 19.55 -25.84
N PRO B 382 -5.40 20.86 -26.23
CA PRO B 382 -5.82 21.14 -27.60
C PRO B 382 -5.11 20.26 -28.64
N HIS B 383 -3.88 19.87 -28.35
CA HIS B 383 -3.04 19.17 -29.31
C HIS B 383 -3.23 17.68 -29.35
N PHE B 384 -4.00 17.14 -28.39
CA PHE B 384 -4.35 15.69 -28.33
C PHE B 384 -5.85 15.37 -28.16
N GLU B 385 -6.69 16.40 -28.08
CA GLU B 385 -8.14 16.28 -27.85
C GLU B 385 -8.99 15.55 -28.95
N LYS B 386 -8.39 15.18 -30.09
CA LYS B 386 -9.12 14.39 -31.13
C LYS B 386 -8.64 12.93 -31.11
N LEU B 387 -8.05 12.55 -29.97
CA LEU B 387 -7.46 11.24 -29.82
C LEU B 387 -8.15 10.51 -28.71
N VAL B 388 -8.40 9.23 -28.93
CA VAL B 388 -9.21 8.38 -28.04
C VAL B 388 -8.46 7.06 -27.83
N ARG B 389 -8.46 6.54 -26.60
CA ARG B 389 -7.69 5.34 -26.33
C ARG B 389 -8.55 4.11 -26.08
N PHE B 390 -8.21 3.03 -26.77
CA PHE B 390 -8.92 1.76 -26.67
C PHE B 390 -8.02 0.66 -26.08
N CYS B 391 -8.56 -0.16 -25.20
CA CYS B 391 -7.80 -1.26 -24.60
C CYS B 391 -8.15 -2.62 -25.24
N PHE B 392 -7.14 -3.44 -25.57
CA PHE B 392 -7.41 -4.71 -26.26
C PHE B 392 -6.93 -5.98 -25.56
N ILE B 393 -6.61 -5.89 -24.28
CA ILE B 393 -6.28 -7.11 -23.51
C ILE B 393 -7.62 -7.72 -23.11
N LYS B 394 -8.36 -8.14 -24.13
CA LYS B 394 -9.72 -8.66 -23.97
C LYS B 394 -9.87 -10.03 -24.59
N LYS B 395 -10.82 -10.81 -24.08
CA LYS B 395 -11.05 -12.17 -24.59
C LYS B 395 -11.80 -12.10 -25.92
N ASP B 396 -11.64 -13.11 -26.77
CA ASP B 396 -12.33 -13.19 -28.07
C ASP B 396 -13.81 -12.75 -28.08
N SER B 397 -14.61 -13.30 -27.15
CA SER B 397 -16.03 -12.93 -26.88
C SER B 397 -16.25 -11.43 -26.91
N THR B 398 -15.31 -10.69 -26.33
CA THR B 398 -15.41 -9.23 -26.16
C THR B 398 -15.03 -8.49 -27.45
N LEU B 399 -14.05 -9.01 -28.17
CA LEU B 399 -13.69 -8.44 -29.47
C LEU B 399 -14.70 -8.84 -30.58
N ASP B 400 -15.44 -9.92 -30.33
CA ASP B 400 -16.60 -10.25 -31.13
C ASP B 400 -17.66 -9.18 -30.88
N ALA B 401 -17.97 -8.94 -29.60
CA ALA B 401 -18.98 -7.94 -29.21
C ALA B 401 -18.67 -6.58 -29.79
N ALA B 402 -17.39 -6.24 -29.80
CA ALA B 402 -16.90 -5.00 -30.36
C ALA B 402 -17.13 -4.96 -31.87
N GLU B 403 -16.68 -6.03 -32.57
CA GLU B 403 -16.91 -6.20 -34.02
C GLU B 403 -18.38 -6.09 -34.43
N GLU B 404 -19.33 -6.54 -33.59
CA GLU B 404 -20.76 -6.31 -33.81
C GLU B 404 -21.03 -4.83 -33.97
N ILE B 405 -20.47 -4.01 -33.09
CA ILE B 405 -20.74 -2.56 -33.14
C ILE B 405 -20.05 -1.85 -34.29
N PHE B 406 -18.83 -2.30 -34.61
CA PHE B 406 -18.11 -1.71 -35.74
C PHE B 406 -18.75 -2.07 -37.06
N ARG B 407 -19.22 -3.32 -37.18
CA ARG B 407 -20.00 -3.75 -38.35
C ARG B 407 -21.31 -2.97 -38.47
N ALA B 408 -21.83 -2.52 -37.32
CA ALA B 408 -23.14 -1.84 -37.20
C ALA B 408 -23.02 -0.33 -36.95
N TRP B 409 -21.91 0.26 -37.36
CA TRP B 409 -21.69 1.68 -37.14
C TRP B 409 -22.45 2.47 -38.20
N ASN B 410 -22.36 1.97 -39.44
CA ASN B 410 -22.91 2.63 -40.62
C ASN B 410 -23.77 1.66 -41.44
#